data_5NNZ
#
_entry.id   5NNZ
#
_cell.length_a   52.150
_cell.length_b   69.500
_cell.length_c   102.150
_cell.angle_alpha   90.00
_cell.angle_beta   90.01
_cell.angle_gamma   90.00
#
_symmetry.space_group_name_H-M   'P 1 21 1'
#
loop_
_entity.id
_entity.type
_entity.pdbx_description
1 polymer 'Dynein assembly factor with WDR repeat domains 1'
2 water water
#
_entity_poly.entity_id   1
_entity_poly.type   'polypeptide(L)'
_entity_poly.pdbx_seq_one_letter_code
;MKLKSLLLRYYPPGIMLEYEKHGELKTKSIDLLDLGPSTDVSALVEEIQKAEPLLTASRTEQVKLLIQRLQEKLGQNSNH
TFYLFKVLKAHILPLTNVALNKSGSCFITGSYDRTCKLWDTASGEELNTLEGHRNVVYAIAFNNPYGDKIATGSFDKTCK
LWSVETGKCYHTFRGHTAEIVCLSFNPQSTLVATGSMDTTAKLWDIQNGEEVYTLRGHSAEIISLSFNTSGDRIITGSFD
HTVVVWDADTGRKVNILIGHCAEISSASFNWDCSLILTGSMDKTCKLWDATNGKCVATLTGHDDEILDSCFDYTGKLIAT
ASADGTARIFSAATRKCIAKLEGHEGEISKISFNPQGNHLLTGSSDKTARIWDAQTGQCLQVLEGHTDEIFSCAFNYKGN
IVITGSKDNTCRIWR
;
_entity_poly.pdbx_strand_id   B,A
#
# COMPACT_ATOMS: atom_id res chain seq x y z
N THR A 81 -33.66 25.58 -0.47
CA THR A 81 -34.41 25.29 0.75
C THR A 81 -35.32 24.08 0.56
N PHE A 82 -35.37 23.22 1.56
CA PHE A 82 -36.18 22.01 1.52
C PHE A 82 -37.19 21.94 2.66
N TYR A 83 -38.26 21.19 2.44
CA TYR A 83 -39.25 20.92 3.48
C TYR A 83 -39.59 19.44 3.42
N LEU A 84 -40.09 18.88 4.51
CA LEU A 84 -40.49 17.48 4.51
C LEU A 84 -41.71 17.26 3.62
N PHE A 85 -41.66 16.21 2.80
CA PHE A 85 -42.80 15.85 1.97
C PHE A 85 -43.62 14.77 2.66
N LYS A 86 -43.02 13.61 2.87
CA LYS A 86 -43.63 12.55 3.67
C LYS A 86 -42.61 11.67 4.36
N VAL A 87 -43.12 10.73 5.15
CA VAL A 87 -42.29 9.79 5.88
C VAL A 87 -42.71 8.42 5.39
N LEU A 88 -41.75 7.56 5.09
CA LEU A 88 -42.10 6.26 4.54
C LEU A 88 -41.49 5.14 5.37
N LYS A 89 -42.34 4.33 6.00
CA LYS A 89 -41.87 3.21 6.79
C LYS A 89 -41.66 2.04 5.84
N ALA A 90 -40.39 1.77 5.53
CA ALA A 90 -40.03 0.81 4.49
C ALA A 90 -40.31 -0.64 4.88
N HIS A 91 -39.64 -1.11 5.92
CA HIS A 91 -39.76 -2.51 6.36
C HIS A 91 -39.91 -2.63 7.86
N ILE A 92 -39.99 -3.87 8.35
CA ILE A 92 -40.05 -4.13 9.78
C ILE A 92 -38.71 -4.67 10.26
N LEU A 93 -37.94 -5.22 9.33
CA LEU A 93 -36.58 -5.65 9.59
C LEU A 93 -35.60 -4.62 9.03
N PRO A 94 -34.40 -4.52 9.64
CA PRO A 94 -33.40 -3.48 9.36
C PRO A 94 -33.21 -3.14 7.88
N LEU A 95 -32.99 -1.87 7.60
CA LEU A 95 -32.92 -1.37 6.23
C LEU A 95 -31.47 -1.30 5.78
N THR A 96 -31.18 -1.83 4.59
CA THR A 96 -29.80 -1.98 4.15
C THR A 96 -29.32 -0.78 3.34
N ASN A 97 -29.93 -0.54 2.19
CA ASN A 97 -29.51 0.54 1.31
CA ASN A 97 -29.51 0.54 1.30
C ASN A 97 -30.68 1.16 0.55
N VAL A 98 -30.51 2.41 0.16
CA VAL A 98 -31.52 3.14 -0.60
C VAL A 98 -30.92 3.62 -1.91
N ALA A 99 -31.62 3.38 -3.01
CA ALA A 99 -31.13 3.80 -4.31
C ALA A 99 -32.27 4.31 -5.18
N LEU A 100 -32.07 5.49 -5.76
CA LEU A 100 -33.08 6.11 -6.60
C LEU A 100 -32.82 5.84 -8.06
N ASN A 101 -33.85 6.05 -8.88
CA ASN A 101 -33.62 6.12 -10.31
C ASN A 101 -33.23 7.57 -10.55
N LYS A 102 -32.74 7.89 -11.74
CA LYS A 102 -32.20 9.23 -11.96
C LYS A 102 -33.28 10.29 -11.87
N SER A 103 -34.45 10.03 -12.44
CA SER A 103 -35.50 11.05 -12.45
C SER A 103 -36.13 11.24 -11.08
N GLY A 104 -35.89 10.29 -10.18
CA GLY A 104 -36.27 10.46 -8.78
C GLY A 104 -37.65 9.94 -8.44
N SER A 105 -38.44 9.69 -9.47
CA SER A 105 -39.79 9.12 -9.32
C SER A 105 -39.82 7.94 -8.37
N CYS A 106 -38.95 6.97 -8.61
CA CYS A 106 -38.98 5.71 -7.89
C CYS A 106 -37.70 5.49 -7.11
N PHE A 107 -37.80 4.86 -5.95
CA PHE A 107 -36.61 4.43 -5.22
C PHE A 107 -36.78 3.05 -4.62
N ILE A 108 -35.74 2.23 -4.79
CA ILE A 108 -35.73 0.87 -4.27
C ILE A 108 -35.09 0.80 -2.88
N THR A 109 -35.57 -0.13 -2.06
CA THR A 109 -35.07 -0.32 -0.70
C THR A 109 -34.94 -1.82 -0.41
N GLY A 110 -33.76 -2.22 0.06
CA GLY A 110 -33.56 -3.60 0.48
C GLY A 110 -33.53 -3.66 1.99
N SER A 111 -33.70 -4.85 2.55
CA SER A 111 -33.76 -4.98 4.00
C SER A 111 -33.45 -6.39 4.48
N TYR A 112 -33.43 -6.55 5.80
CA TYR A 112 -33.20 -7.85 6.41
C TYR A 112 -34.41 -8.76 6.26
N ASP A 113 -35.51 -8.25 5.71
CA ASP A 113 -36.68 -9.09 5.47
C ASP A 113 -36.60 -9.73 4.09
N ARG A 114 -35.37 -9.90 3.61
CA ARG A 114 -35.08 -10.62 2.37
CA ARG A 114 -35.08 -10.61 2.37
C ARG A 114 -35.80 -10.06 1.15
N THR A 115 -36.31 -8.83 1.26
CA THR A 115 -37.03 -8.22 0.14
C THR A 115 -36.45 -6.90 -0.35
N CYS A 116 -36.85 -6.53 -1.57
CA CYS A 116 -36.59 -5.20 -2.11
C CYS A 116 -37.92 -4.58 -2.54
N LYS A 117 -38.20 -3.37 -2.08
CA LYS A 117 -39.46 -2.73 -2.42
C LYS A 117 -39.28 -1.54 -3.36
N LEU A 118 -40.29 -1.31 -4.19
CA LEU A 118 -40.26 -0.28 -5.20
C LEU A 118 -41.27 0.79 -4.81
N TRP A 119 -40.78 1.97 -4.44
CA TRP A 119 -41.66 3.03 -3.97
C TRP A 119 -41.74 4.14 -5.00
N ASP A 120 -42.83 4.90 -4.98
CA ASP A 120 -42.92 6.09 -5.81
C ASP A 120 -42.82 7.31 -4.92
N THR A 121 -42.16 8.35 -5.42
CA THR A 121 -41.75 9.48 -4.60
C THR A 121 -42.95 10.35 -4.24
N ALA A 122 -43.84 10.56 -5.20
CA ALA A 122 -44.99 11.42 -5.02
C ALA A 122 -46.06 10.79 -4.12
N SER A 123 -46.40 9.54 -4.41
CA SER A 123 -47.48 8.88 -3.68
C SER A 123 -47.03 8.29 -2.34
N GLY A 124 -45.85 7.68 -2.31
CA GLY A 124 -45.43 6.93 -1.14
C GLY A 124 -46.02 5.52 -1.14
N GLU A 125 -46.89 5.28 -2.11
CA GLU A 125 -47.43 3.96 -2.39
C GLU A 125 -46.33 2.90 -2.56
N GLU A 126 -46.44 1.79 -1.83
CA GLU A 126 -45.56 0.67 -2.12
C GLU A 126 -45.98 0.03 -3.43
N LEU A 127 -45.29 0.39 -4.51
CA LEU A 127 -45.61 -0.13 -5.83
C LEU A 127 -45.46 -1.64 -5.87
N ASN A 128 -44.23 -2.11 -5.72
CA ASN A 128 -43.92 -3.53 -5.79
C ASN A 128 -43.07 -4.03 -4.63
N THR A 129 -43.18 -5.34 -4.36
CA THR A 129 -42.29 -6.01 -3.43
C THR A 129 -41.59 -7.13 -4.17
N LEU A 130 -40.26 -7.14 -4.12
CA LEU A 130 -39.47 -8.05 -4.95
C LEU A 130 -38.97 -9.24 -4.12
N GLU A 131 -39.68 -10.35 -4.22
CA GLU A 131 -39.38 -11.54 -3.43
C GLU A 131 -38.71 -12.63 -4.25
N GLY A 132 -37.83 -13.39 -3.60
CA GLY A 132 -37.13 -14.48 -4.26
C GLY A 132 -35.78 -14.82 -3.64
N HIS A 133 -35.13 -13.85 -3.02
CA HIS A 133 -33.87 -14.12 -2.34
C HIS A 133 -34.10 -14.84 -1.01
N ARG A 134 -33.16 -15.69 -0.64
CA ARG A 134 -33.31 -16.51 0.55
C ARG A 134 -32.54 -15.96 1.74
N ASN A 135 -32.16 -14.68 1.66
CA ASN A 135 -31.44 -14.05 2.76
C ASN A 135 -31.48 -12.53 2.55
N VAL A 136 -30.72 -11.79 3.35
CA VAL A 136 -30.78 -10.34 3.39
C VAL A 136 -30.36 -9.68 2.09
N VAL A 137 -31.23 -8.82 1.54
CA VAL A 137 -30.91 -8.06 0.35
C VAL A 137 -30.18 -6.79 0.74
N TYR A 138 -28.90 -6.72 0.41
CA TYR A 138 -28.07 -5.62 0.85
C TYR A 138 -27.77 -4.65 -0.28
N ALA A 139 -27.40 -5.20 -1.43
CA ALA A 139 -26.96 -4.40 -2.58
C ALA A 139 -28.05 -4.26 -3.65
N ILE A 140 -28.40 -3.03 -3.96
CA ILE A 140 -29.39 -2.74 -4.99
C ILE A 140 -28.90 -1.59 -5.89
N ALA A 141 -29.30 -1.62 -7.15
CA ALA A 141 -28.97 -0.54 -8.09
C ALA A 141 -29.99 -0.46 -9.21
N PHE A 142 -29.96 0.65 -9.94
CA PHE A 142 -30.87 0.84 -11.08
C PHE A 142 -30.19 0.69 -12.43
N ASN A 143 -31.01 0.50 -13.45
CA ASN A 143 -30.55 0.39 -14.84
C ASN A 143 -30.25 1.75 -15.47
N ASN A 144 -29.95 2.74 -14.63
CA ASN A 144 -29.72 4.11 -15.09
C ASN A 144 -28.69 4.21 -16.22
N PRO A 145 -28.96 5.07 -17.22
CA PRO A 145 -30.06 6.05 -17.36
C PRO A 145 -31.45 5.45 -17.61
N TYR A 146 -31.51 4.24 -18.15
CA TYR A 146 -32.77 3.64 -18.59
C TYR A 146 -33.75 3.37 -17.45
N GLY A 147 -33.25 2.79 -16.36
CA GLY A 147 -34.08 2.53 -15.20
C GLY A 147 -35.27 1.62 -15.45
N ASP A 148 -35.11 0.69 -16.41
CA ASP A 148 -36.17 -0.26 -16.72
C ASP A 148 -35.87 -1.63 -16.13
N LYS A 149 -34.72 -1.75 -15.45
CA LYS A 149 -34.40 -2.98 -14.73
C LYS A 149 -33.82 -2.69 -13.35
N ILE A 150 -34.02 -3.64 -12.44
CA ILE A 150 -33.50 -3.55 -11.08
C ILE A 150 -32.60 -4.76 -10.84
N ALA A 151 -31.40 -4.52 -10.32
CA ALA A 151 -30.54 -5.62 -9.93
C ALA A 151 -30.46 -5.71 -8.41
N THR A 152 -30.38 -6.94 -7.92
CA THR A 152 -30.44 -7.18 -6.49
C THR A 152 -29.36 -8.18 -6.06
N GLY A 153 -28.63 -7.82 -5.01
CA GLY A 153 -27.63 -8.72 -4.45
C GLY A 153 -27.98 -9.00 -3.01
N SER A 154 -27.76 -10.24 -2.57
CA SER A 154 -28.15 -10.64 -1.23
C SER A 154 -27.09 -11.50 -0.55
N PHE A 155 -27.26 -11.72 0.75
CA PHE A 155 -26.37 -12.57 1.51
C PHE A 155 -26.68 -14.04 1.28
N ASP A 156 -27.17 -14.38 0.09
CA ASP A 156 -27.41 -15.77 -0.25
C ASP A 156 -26.61 -16.05 -1.51
N LYS A 157 -25.55 -15.24 -1.64
CA LYS A 157 -24.50 -15.40 -2.64
C LYS A 157 -24.95 -15.08 -4.06
N THR A 158 -26.26 -15.05 -4.30
CA THR A 158 -26.78 -14.97 -5.67
C THR A 158 -27.18 -13.53 -5.97
N CYS A 159 -27.19 -13.19 -7.26
CA CYS A 159 -27.72 -11.92 -7.72
C CYS A 159 -28.90 -12.14 -8.68
N LYS A 160 -30.01 -11.47 -8.39
CA LYS A 160 -31.20 -11.60 -9.21
C LYS A 160 -31.49 -10.29 -9.96
N LEU A 161 -32.10 -10.43 -11.13
CA LEU A 161 -32.42 -9.28 -11.98
C LEU A 161 -33.92 -9.19 -12.23
N TRP A 162 -34.47 -7.98 -12.07
CA TRP A 162 -35.90 -7.75 -12.12
C TRP A 162 -36.25 -6.71 -13.17
N SER A 163 -37.54 -6.61 -13.51
CA SER A 163 -38.03 -5.50 -14.31
C SER A 163 -38.77 -4.49 -13.44
N VAL A 164 -38.88 -3.25 -13.92
CA VAL A 164 -39.71 -2.26 -13.26
C VAL A 164 -41.15 -2.35 -13.74
N GLU A 165 -41.34 -2.85 -14.96
CA GLU A 165 -42.67 -3.02 -15.53
C GLU A 165 -43.42 -4.10 -14.73
N THR A 166 -42.78 -5.25 -14.58
CA THR A 166 -43.34 -6.34 -13.81
C THR A 166 -42.43 -6.61 -12.60
N GLY A 167 -43.03 -6.90 -11.45
CA GLY A 167 -42.25 -7.12 -10.25
C GLY A 167 -41.66 -8.52 -10.22
N LYS A 168 -41.38 -9.04 -11.40
CA LYS A 168 -40.88 -10.41 -11.55
C LYS A 168 -39.37 -10.44 -11.75
N CYS A 169 -38.80 -11.63 -11.60
CA CYS A 169 -37.36 -11.84 -11.67
C CYS A 169 -36.94 -12.38 -13.03
N TYR A 170 -36.02 -11.70 -13.72
CA TYR A 170 -35.59 -12.18 -15.02
C TYR A 170 -34.54 -13.26 -14.85
N HIS A 171 -33.41 -12.86 -14.29
CA HIS A 171 -32.26 -13.75 -14.20
C HIS A 171 -31.74 -13.93 -12.80
N THR A 172 -31.26 -15.14 -12.52
CA THR A 172 -30.63 -15.48 -11.27
C THR A 172 -29.17 -15.74 -11.60
N PHE A 173 -28.28 -15.07 -10.88
CA PHE A 173 -26.85 -15.20 -11.15
C PHE A 173 -26.17 -15.88 -9.97
N ARG A 174 -25.67 -17.09 -10.22
CA ARG A 174 -25.05 -17.90 -9.18
C ARG A 174 -23.59 -18.19 -9.50
N GLY A 175 -22.77 -18.30 -8.46
CA GLY A 175 -21.36 -18.60 -8.63
C GLY A 175 -20.50 -18.00 -7.52
N HIS A 176 -20.96 -16.90 -6.95
CA HIS A 176 -20.26 -16.28 -5.82
C HIS A 176 -20.33 -17.19 -4.60
N THR A 177 -19.19 -17.34 -3.91
CA THR A 177 -19.12 -18.26 -2.78
C THR A 177 -19.28 -17.52 -1.45
N ALA A 178 -19.84 -16.31 -1.50
CA ALA A 178 -20.14 -15.55 -0.31
C ALA A 178 -21.13 -14.42 -0.58
N GLU A 179 -21.42 -13.64 0.46
CA GLU A 179 -22.37 -12.53 0.38
C GLU A 179 -21.97 -11.46 -0.64
N ILE A 180 -22.92 -11.04 -1.47
CA ILE A 180 -22.70 -9.95 -2.41
C ILE A 180 -23.14 -8.64 -1.77
N VAL A 181 -22.22 -7.69 -1.67
CA VAL A 181 -22.44 -6.49 -0.87
C VAL A 181 -22.36 -5.21 -1.70
N CYS A 182 -21.91 -5.34 -2.93
CA CYS A 182 -21.88 -4.20 -3.86
CA CYS A 182 -21.89 -4.20 -3.86
C CYS A 182 -22.08 -4.67 -5.30
N LEU A 183 -22.95 -3.99 -6.03
CA LEU A 183 -23.21 -4.33 -7.42
C LEU A 183 -23.45 -3.07 -8.25
N SER A 184 -23.36 -3.21 -9.57
CA SER A 184 -23.53 -2.09 -10.47
C SER A 184 -23.95 -2.51 -11.87
N PHE A 185 -24.61 -1.60 -12.57
CA PHE A 185 -24.88 -1.78 -14.00
C PHE A 185 -23.86 -1.00 -14.80
N ASN A 186 -23.82 -1.28 -16.10
CA ASN A 186 -22.89 -0.59 -16.98
C ASN A 186 -23.68 0.33 -17.89
N PRO A 187 -23.03 1.40 -18.38
CA PRO A 187 -23.58 2.18 -19.48
C PRO A 187 -24.07 1.28 -20.63
N GLN A 188 -25.14 1.71 -21.28
CA GLN A 188 -25.79 1.00 -22.40
C GLN A 188 -26.53 -0.25 -21.92
N SER A 189 -26.55 -0.47 -20.61
CA SER A 189 -27.21 -1.63 -19.99
C SER A 189 -26.83 -2.95 -20.64
N THR A 190 -25.53 -3.25 -20.66
CA THR A 190 -25.05 -4.49 -21.27
C THR A 190 -24.82 -5.59 -20.24
N LEU A 191 -24.26 -5.23 -19.09
CA LEU A 191 -23.84 -6.22 -18.12
C LEU A 191 -23.99 -5.75 -16.68
N VAL A 192 -23.71 -6.68 -15.76
CA VAL A 192 -23.81 -6.42 -14.33
C VAL A 192 -22.51 -6.84 -13.66
N ALA A 193 -21.99 -5.99 -12.78
CA ALA A 193 -20.83 -6.36 -11.97
C ALA A 193 -21.25 -6.53 -10.52
N THR A 194 -20.92 -7.66 -9.92
CA THR A 194 -21.28 -7.93 -8.54
C THR A 194 -20.05 -8.08 -7.67
N GLY A 195 -19.99 -7.31 -6.58
CA GLY A 195 -18.89 -7.40 -5.64
C GLY A 195 -19.27 -8.14 -4.38
N SER A 196 -18.54 -9.22 -4.09
CA SER A 196 -18.86 -10.06 -2.94
C SER A 196 -17.68 -10.19 -1.98
N MET A 197 -17.94 -10.71 -0.79
CA MET A 197 -16.91 -10.82 0.24
C MET A 197 -16.04 -12.06 0.06
N ASP A 198 -16.28 -12.79 -1.02
CA ASP A 198 -15.40 -13.91 -1.39
C ASP A 198 -14.14 -13.39 -2.09
N THR A 199 -13.96 -12.07 -2.04
CA THR A 199 -12.80 -11.35 -2.56
C THR A 199 -12.81 -11.23 -4.08
N THR A 200 -13.93 -11.60 -4.70
CA THR A 200 -14.04 -11.53 -6.16
C THR A 200 -15.20 -10.69 -6.64
N ALA A 201 -15.09 -10.21 -7.88
CA ALA A 201 -16.21 -9.62 -8.61
C ALA A 201 -16.52 -10.45 -9.84
N LYS A 202 -17.75 -10.39 -10.33
CA LYS A 202 -18.12 -11.13 -11.54
C LYS A 202 -18.96 -10.30 -12.50
N LEU A 203 -18.73 -10.51 -13.79
CA LEU A 203 -19.49 -9.83 -14.84
C LEU A 203 -20.54 -10.76 -15.43
N TRP A 204 -21.80 -10.32 -15.40
CA TRP A 204 -22.89 -11.14 -15.91
C TRP A 204 -23.58 -10.48 -17.10
N ASP A 205 -24.02 -11.31 -18.04
CA ASP A 205 -24.79 -10.85 -19.20
C ASP A 205 -26.25 -10.73 -18.78
N ILE A 206 -27.01 -9.90 -19.49
CA ILE A 206 -28.36 -9.56 -19.05
C ILE A 206 -29.41 -10.07 -20.03
N GLN A 207 -29.21 -9.79 -21.31
CA GLN A 207 -30.06 -10.37 -22.35
C GLN A 207 -29.87 -11.87 -22.44
N ASN A 208 -28.70 -12.33 -22.00
CA ASN A 208 -28.33 -13.73 -22.11
C ASN A 208 -28.38 -14.45 -20.75
N GLY A 209 -27.60 -13.97 -19.80
CA GLY A 209 -27.67 -14.45 -18.43
C GLY A 209 -26.43 -15.19 -17.96
N GLU A 210 -25.44 -15.26 -18.84
CA GLU A 210 -24.17 -15.93 -18.56
C GLU A 210 -23.16 -15.07 -17.79
N GLU A 211 -22.39 -15.71 -16.92
CA GLU A 211 -21.22 -15.08 -16.34
C GLU A 211 -20.18 -14.90 -17.44
N VAL A 212 -19.55 -13.73 -17.49
CA VAL A 212 -18.56 -13.47 -18.52
C VAL A 212 -17.14 -13.54 -17.97
N TYR A 213 -16.95 -13.05 -16.74
CA TYR A 213 -15.64 -13.04 -16.12
C TYR A 213 -15.70 -13.20 -14.60
N THR A 214 -14.65 -13.78 -14.04
CA THR A 214 -14.45 -13.80 -12.60
C THR A 214 -13.24 -12.93 -12.29
N LEU A 215 -13.46 -11.89 -11.50
CA LEU A 215 -12.42 -10.91 -11.25
C LEU A 215 -11.63 -11.21 -9.98
N ARG A 216 -10.47 -11.84 -10.14
CA ARG A 216 -9.61 -12.18 -9.02
C ARG A 216 -8.36 -11.31 -8.98
N GLY A 217 -8.28 -10.44 -7.99
CA GLY A 217 -7.15 -9.54 -7.84
C GLY A 217 -7.10 -8.93 -6.46
N HIS A 218 -8.00 -9.36 -5.59
CA HIS A 218 -8.07 -8.84 -4.23
C HIS A 218 -7.79 -9.94 -3.20
N SER A 219 -7.28 -9.55 -2.04
CA SER A 219 -7.03 -10.50 -0.96
C SER A 219 -8.03 -10.35 0.17
N ALA A 220 -8.94 -9.40 0.04
CA ALA A 220 -9.93 -9.16 1.08
C ALA A 220 -11.31 -8.82 0.49
N GLU A 221 -12.27 -8.59 1.38
CA GLU A 221 -13.63 -8.24 1.01
C GLU A 221 -13.71 -7.04 0.06
N ILE A 222 -14.51 -7.17 -0.99
CA ILE A 222 -14.78 -6.06 -1.90
C ILE A 222 -16.01 -5.29 -1.47
N ILE A 223 -15.86 -3.98 -1.31
CA ILE A 223 -16.95 -3.15 -0.81
C ILE A 223 -17.40 -2.11 -1.82
N SER A 224 -16.56 -1.83 -2.81
CA SER A 224 -16.93 -0.84 -3.82
C SER A 224 -16.80 -1.38 -5.24
N LEU A 225 -17.64 -0.88 -6.13
CA LEU A 225 -17.68 -1.31 -7.52
C LEU A 225 -18.17 -0.14 -8.36
N SER A 226 -17.69 -0.06 -9.61
CA SER A 226 -18.00 1.08 -10.45
C SER A 226 -17.59 0.82 -11.90
N PHE A 227 -18.31 1.44 -12.83
CA PHE A 227 -17.87 1.51 -14.21
C PHE A 227 -17.55 2.94 -14.58
N ASN A 228 -16.53 3.12 -15.41
CA ASN A 228 -16.21 4.43 -15.95
C ASN A 228 -17.29 4.82 -16.95
N THR A 229 -17.36 6.10 -17.29
CA THR A 229 -18.29 6.53 -18.32
C THR A 229 -17.89 5.85 -19.62
N SER A 230 -18.89 5.28 -20.31
CA SER A 230 -18.75 4.42 -21.50
C SER A 230 -18.51 2.96 -21.11
N GLY A 231 -18.26 2.70 -19.82
CA GLY A 231 -18.11 1.35 -19.34
C GLY A 231 -16.90 0.55 -19.79
N ASP A 232 -15.81 1.25 -20.13
CA ASP A 232 -14.60 0.57 -20.60
C ASP A 232 -13.84 -0.10 -19.46
N ARG A 233 -13.92 0.49 -18.27
CA ARG A 233 -13.15 0.03 -17.12
C ARG A 233 -14.04 -0.30 -15.92
N ILE A 234 -13.47 -1.02 -14.96
CA ILE A 234 -14.18 -1.32 -13.71
C ILE A 234 -13.27 -1.10 -12.50
N ILE A 235 -13.77 -0.34 -11.54
CA ILE A 235 -13.03 -0.07 -10.31
C ILE A 235 -13.53 -0.96 -9.19
N THR A 236 -12.61 -1.66 -8.53
CA THR A 236 -12.98 -2.53 -7.41
C THR A 236 -12.29 -2.08 -6.13
N GLY A 237 -13.06 -1.61 -5.15
CA GLY A 237 -12.51 -1.22 -3.87
C GLY A 237 -12.57 -2.38 -2.90
N SER A 238 -11.57 -2.47 -2.02
CA SER A 238 -11.50 -3.62 -1.11
C SER A 238 -10.91 -3.27 0.25
N PHE A 239 -11.08 -4.19 1.20
CA PHE A 239 -10.57 -4.00 2.56
C PHE A 239 -9.10 -4.35 2.68
N ASP A 240 -8.47 -4.70 1.57
CA ASP A 240 -7.04 -4.97 1.55
C ASP A 240 -6.26 -3.73 1.13
N HIS A 241 -6.91 -2.57 1.27
CA HIS A 241 -6.32 -1.25 1.02
C HIS A 241 -5.95 -1.02 -0.45
N THR A 242 -6.52 -1.81 -1.35
CA THR A 242 -6.20 -1.71 -2.76
C THR A 242 -7.44 -1.51 -3.65
N VAL A 243 -7.30 -0.66 -4.66
CA VAL A 243 -8.28 -0.57 -5.74
C VAL A 243 -7.69 -1.13 -7.04
N VAL A 244 -8.47 -1.97 -7.72
CA VAL A 244 -8.02 -2.54 -8.99
C VAL A 244 -8.90 -2.05 -10.15
N VAL A 245 -8.24 -1.52 -11.18
CA VAL A 245 -8.95 -1.06 -12.37
C VAL A 245 -8.91 -2.15 -13.45
N TRP A 246 -10.07 -2.72 -13.73
CA TRP A 246 -10.17 -3.83 -14.68
C TRP A 246 -10.56 -3.38 -16.09
N ASP A 247 -10.37 -4.27 -17.06
CA ASP A 247 -10.90 -4.05 -18.41
C ASP A 247 -12.14 -4.94 -18.58
N ALA A 248 -13.27 -4.32 -18.91
CA ALA A 248 -14.53 -5.06 -19.03
C ALA A 248 -14.57 -5.97 -20.24
N ASP A 249 -13.83 -5.61 -21.28
CA ASP A 249 -13.72 -6.44 -22.48
C ASP A 249 -12.90 -7.70 -22.22
N THR A 250 -11.61 -7.51 -21.93
CA THR A 250 -10.68 -8.62 -21.77
C THR A 250 -10.81 -9.32 -20.42
N GLY A 251 -10.92 -8.56 -19.34
CA GLY A 251 -11.05 -9.15 -18.01
C GLY A 251 -9.76 -9.27 -17.22
N ARG A 252 -8.70 -8.62 -17.70
CA ARG A 252 -7.41 -8.64 -17.02
C ARG A 252 -7.20 -7.37 -16.21
N LYS A 253 -6.22 -7.39 -15.30
CA LYS A 253 -5.90 -6.20 -14.53
C LYS A 253 -5.29 -5.15 -15.45
N VAL A 254 -5.84 -3.94 -15.44
CA VAL A 254 -5.23 -2.85 -16.17
C VAL A 254 -4.24 -2.14 -15.26
N ASN A 255 -4.70 -1.70 -14.08
CA ASN A 255 -3.84 -1.14 -13.06
C ASN A 255 -4.32 -1.47 -11.65
N ILE A 256 -3.39 -1.50 -10.70
CA ILE A 256 -3.71 -1.73 -9.30
C ILE A 256 -3.32 -0.53 -8.44
N LEU A 257 -4.29 0.17 -7.88
CA LEU A 257 -3.99 1.32 -7.06
C LEU A 257 -3.55 0.91 -5.65
N ILE A 258 -2.28 1.17 -5.34
CA ILE A 258 -1.71 0.82 -4.04
C ILE A 258 -1.04 2.05 -3.42
N GLY A 259 -1.18 2.21 -2.11
CA GLY A 259 -0.59 3.33 -1.41
C GLY A 259 -1.27 3.66 -0.10
N HIS A 260 -2.55 3.34 0.01
CA HIS A 260 -3.29 3.55 1.24
C HIS A 260 -2.80 2.62 2.34
N CYS A 261 -2.82 3.10 3.58
CA CYS A 261 -2.28 2.35 4.70
C CYS A 261 -3.37 1.74 5.58
N ALA A 262 -4.64 1.94 5.18
CA ALA A 262 -5.76 1.35 5.91
C ALA A 262 -6.91 1.07 4.96
N GLU A 263 -7.94 0.42 5.48
CA GLU A 263 -9.10 -0.04 4.69
C GLU A 263 -9.67 1.07 3.80
N ILE A 264 -10.10 0.69 2.61
CA ILE A 264 -10.59 1.67 1.63
C ILE A 264 -12.10 1.85 1.72
N SER A 265 -12.51 3.10 1.86
CA SER A 265 -13.92 3.47 1.95
C SER A 265 -14.57 3.53 0.58
N SER A 266 -14.04 4.39 -0.28
CA SER A 266 -14.65 4.71 -1.56
C SER A 266 -13.63 4.86 -2.67
N ALA A 267 -14.12 4.79 -3.91
CA ALA A 267 -13.29 4.99 -5.09
C ALA A 267 -14.20 5.31 -6.27
N SER A 268 -13.81 6.29 -7.08
CA SER A 268 -14.63 6.69 -8.22
C SER A 268 -13.90 7.47 -9.30
N PHE A 269 -14.46 7.42 -10.50
CA PHE A 269 -13.96 8.22 -11.62
C PHE A 269 -14.62 9.60 -11.60
N ASN A 270 -13.97 10.59 -12.22
CA ASN A 270 -14.68 11.83 -12.48
C ASN A 270 -15.38 11.68 -13.82
N TRP A 271 -16.18 12.66 -14.22
CA TRP A 271 -16.95 12.56 -15.46
C TRP A 271 -16.04 12.36 -16.67
N ASP A 272 -14.90 13.05 -16.66
CA ASP A 272 -13.97 13.05 -17.77
C ASP A 272 -13.23 11.70 -17.76
N CYS A 273 -13.28 11.05 -16.59
CA CYS A 273 -12.62 9.76 -16.36
C CYS A 273 -11.10 9.77 -16.58
N SER A 274 -10.47 10.90 -16.27
CA SER A 274 -9.02 10.99 -16.32
C SER A 274 -8.41 10.74 -14.95
N LEU A 275 -9.23 10.88 -13.91
CA LEU A 275 -8.76 10.76 -12.54
C LEU A 275 -9.60 9.79 -11.70
N ILE A 276 -8.94 9.08 -10.80
CA ILE A 276 -9.63 8.22 -9.84
C ILE A 276 -9.44 8.77 -8.44
N LEU A 277 -10.54 8.93 -7.71
CA LEU A 277 -10.49 9.44 -6.35
C LEU A 277 -10.81 8.32 -5.36
N THR A 278 -9.86 8.02 -4.48
CA THR A 278 -10.02 6.96 -3.49
C THR A 278 -10.10 7.55 -2.10
N GLY A 279 -10.92 6.94 -1.25
CA GLY A 279 -10.98 7.31 0.15
C GLY A 279 -10.68 6.10 1.00
N SER A 280 -10.14 6.31 2.19
CA SER A 280 -9.73 5.20 3.03
C SER A 280 -9.79 5.51 4.52
N MET A 281 -9.62 4.47 5.33
CA MET A 281 -9.69 4.60 6.78
C MET A 281 -8.38 5.12 7.38
N ASP A 282 -7.42 5.46 6.52
CA ASP A 282 -6.15 5.98 7.00
C ASP A 282 -6.20 7.50 7.05
N LYS A 283 -7.42 8.03 7.23
CA LYS A 283 -7.65 9.46 7.40
C LYS A 283 -7.31 10.23 6.12
N THR A 284 -7.07 9.49 5.04
CA THR A 284 -6.51 10.06 3.83
C THR A 284 -7.36 9.77 2.59
N CYS A 285 -7.37 10.74 1.67
CA CYS A 285 -7.94 10.54 0.34
C CYS A 285 -6.86 10.70 -0.71
N LYS A 286 -6.77 9.76 -1.64
CA LYS A 286 -5.73 9.83 -2.66
C LYS A 286 -6.32 10.02 -4.05
N LEU A 287 -5.58 10.73 -4.89
CA LEU A 287 -6.05 11.12 -6.20
C LEU A 287 -5.12 10.54 -7.26
N TRP A 288 -5.63 9.57 -8.02
CA TRP A 288 -4.82 8.77 -8.92
C TRP A 288 -5.08 9.11 -10.37
N ASP A 289 -4.09 8.89 -11.23
CA ASP A 289 -4.28 9.01 -12.66
C ASP A 289 -4.83 7.66 -13.13
N ALA A 290 -5.95 7.69 -13.85
CA ALA A 290 -6.62 6.46 -14.27
C ALA A 290 -5.85 5.72 -15.36
N THR A 291 -5.12 6.48 -16.17
CA THR A 291 -4.31 5.92 -17.25
C THR A 291 -3.27 4.95 -16.69
N ASN A 292 -2.35 5.50 -15.91
CA ASN A 292 -1.19 4.75 -15.45
C ASN A 292 -1.35 4.07 -14.08
N GLY A 293 -2.16 4.67 -13.21
CA GLY A 293 -2.39 4.14 -11.88
C GLY A 293 -1.44 4.69 -10.83
N LYS A 294 -0.83 5.83 -11.13
CA LYS A 294 0.07 6.49 -10.19
C LYS A 294 -0.68 7.45 -9.29
N CYS A 295 -0.29 7.51 -8.02
CA CYS A 295 -0.88 8.46 -7.10
C CYS A 295 -0.33 9.86 -7.35
N VAL A 296 -1.17 10.73 -7.89
CA VAL A 296 -0.75 12.09 -8.23
C VAL A 296 -0.90 13.02 -7.03
N ALA A 297 -1.90 12.78 -6.20
CA ALA A 297 -2.16 13.63 -5.05
C ALA A 297 -2.54 12.83 -3.81
N THR A 298 -2.16 13.35 -2.65
CA THR A 298 -2.53 12.75 -1.37
C THR A 298 -3.20 13.82 -0.52
N LEU A 299 -4.47 13.60 -0.18
CA LEU A 299 -5.26 14.67 0.43
C LEU A 299 -5.35 14.46 1.93
N THR A 300 -4.88 15.45 2.69
CA THR A 300 -4.78 15.37 4.15
C THR A 300 -5.68 16.38 4.86
N GLY A 301 -5.95 16.12 6.14
CA GLY A 301 -6.64 17.10 6.97
C GLY A 301 -7.49 16.51 8.08
N HIS A 302 -8.15 15.39 7.78
CA HIS A 302 -9.08 14.78 8.73
C HIS A 302 -8.35 14.12 9.90
N ASP A 303 -9.03 14.06 11.04
CA ASP A 303 -8.43 13.59 12.29
C ASP A 303 -8.85 12.16 12.60
N ASP A 304 -9.64 11.57 11.71
CA ASP A 304 -10.10 10.20 11.88
C ASP A 304 -10.39 9.60 10.51
N GLU A 305 -11.07 8.46 10.49
CA GLU A 305 -11.35 7.73 9.27
C GLU A 305 -12.11 8.59 8.26
N ILE A 306 -11.99 8.24 6.98
CA ILE A 306 -12.78 8.90 5.94
C ILE A 306 -13.81 7.89 5.46
N LEU A 307 -15.08 8.27 5.51
CA LEU A 307 -16.17 7.32 5.28
C LEU A 307 -16.73 7.34 3.87
N ASP A 308 -16.63 8.48 3.19
CA ASP A 308 -17.12 8.59 1.81
C ASP A 308 -16.37 9.68 1.06
N SER A 309 -16.43 9.64 -0.27
CA SER A 309 -15.75 10.61 -1.10
C SER A 309 -16.50 10.86 -2.40
N CYS A 310 -16.41 12.07 -2.93
CA CYS A 310 -17.17 12.44 -4.12
C CYS A 310 -16.48 13.49 -4.99
N PHE A 311 -16.62 13.34 -6.30
CA PHE A 311 -16.40 14.45 -7.21
C PHE A 311 -17.71 15.23 -7.37
N ASP A 312 -17.63 16.37 -8.04
CA ASP A 312 -18.86 17.06 -8.47
C ASP A 312 -19.11 16.68 -9.93
N TYR A 313 -20.13 17.29 -10.54
CA TYR A 313 -20.46 16.97 -11.92
C TYR A 313 -19.34 17.34 -12.89
N THR A 314 -18.67 18.45 -12.60
CA THR A 314 -17.54 18.93 -13.38
C THR A 314 -16.25 18.13 -13.17
N GLY A 315 -16.06 17.62 -11.94
CA GLY A 315 -14.78 17.10 -11.52
C GLY A 315 -13.89 18.19 -10.97
N LYS A 316 -14.43 19.40 -10.92
CA LYS A 316 -13.72 20.58 -10.45
C LYS A 316 -13.37 20.49 -8.96
N LEU A 317 -14.28 19.94 -8.17
CA LEU A 317 -14.10 19.87 -6.73
C LEU A 317 -14.00 18.45 -6.20
N ILE A 318 -13.65 18.33 -4.93
CA ILE A 318 -13.55 17.04 -4.25
C ILE A 318 -14.19 17.19 -2.87
N ALA A 319 -14.98 16.21 -2.47
CA ALA A 319 -15.68 16.27 -1.19
C ALA A 319 -15.32 15.07 -0.33
N THR A 320 -15.11 15.32 0.96
CA THR A 320 -14.68 14.27 1.86
C THR A 320 -15.43 14.27 3.19
N ALA A 321 -16.02 13.14 3.53
CA ALA A 321 -16.69 12.96 4.81
C ALA A 321 -15.79 12.13 5.73
N SER A 322 -15.79 12.46 7.02
CA SER A 322 -14.92 11.75 7.94
C SER A 322 -15.67 11.41 9.24
N ALA A 323 -15.09 10.52 10.03
CA ALA A 323 -15.69 10.12 11.29
C ALA A 323 -15.43 11.11 12.42
N ASP A 324 -14.58 12.10 12.18
CA ASP A 324 -14.41 13.21 13.11
C ASP A 324 -15.70 14.04 13.19
N GLY A 325 -16.53 13.91 12.17
CA GLY A 325 -17.76 14.67 12.08
C GLY A 325 -17.62 15.91 11.21
N THR A 326 -16.45 16.10 10.62
CA THR A 326 -16.21 17.23 9.76
C THR A 326 -16.17 16.80 8.29
N ALA A 327 -16.45 17.74 7.40
CA ALA A 327 -16.37 17.50 5.97
C ALA A 327 -15.40 18.47 5.29
N ARG A 328 -14.58 17.96 4.40
CA ARG A 328 -13.58 18.79 3.73
C ARG A 328 -13.81 18.86 2.24
N ILE A 329 -13.60 20.05 1.69
CA ILE A 329 -13.77 20.31 0.28
C ILE A 329 -12.43 20.75 -0.31
N PHE A 330 -11.89 19.98 -1.23
CA PHE A 330 -10.64 20.35 -1.88
C PHE A 330 -10.89 20.78 -3.32
N SER A 331 -9.84 21.31 -3.95
CA SER A 331 -9.84 21.61 -5.38
C SER A 331 -9.13 20.48 -6.12
N ALA A 332 -9.58 20.17 -7.32
CA ALA A 332 -8.92 19.16 -8.16
C ALA A 332 -7.50 19.57 -8.58
N ALA A 333 -7.34 20.81 -9.05
CA ALA A 333 -6.08 21.24 -9.66
C ALA A 333 -5.03 21.71 -8.64
N THR A 334 -5.47 22.43 -7.62
CA THR A 334 -4.55 23.02 -6.64
C THR A 334 -4.26 22.07 -5.48
N ARG A 335 -5.20 21.19 -5.18
CA ARG A 335 -5.12 20.22 -4.08
C ARG A 335 -5.13 20.91 -2.70
N LYS A 336 -5.23 22.23 -2.71
CA LYS A 336 -5.47 23.00 -1.50
C LYS A 336 -6.91 22.81 -1.02
N CYS A 337 -7.08 22.65 0.29
CA CYS A 337 -8.41 22.55 0.88
C CYS A 337 -9.16 23.87 0.71
N ILE A 338 -10.41 23.78 0.24
CA ILE A 338 -11.21 24.98 0.01
C ILE A 338 -12.00 25.40 1.25
N ALA A 339 -12.59 24.43 1.94
CA ALA A 339 -13.39 24.71 3.13
C ALA A 339 -13.52 23.51 4.06
N LYS A 340 -13.86 23.78 5.32
CA LYS A 340 -14.23 22.72 6.26
C LYS A 340 -15.67 22.91 6.70
N LEU A 341 -16.40 21.81 6.74
CA LEU A 341 -17.78 21.84 7.19
C LEU A 341 -17.95 21.13 8.53
N GLU A 342 -18.27 21.89 9.57
CA GLU A 342 -18.45 21.31 10.88
C GLU A 342 -19.75 21.77 11.51
N GLY A 343 -20.24 20.99 12.48
CA GLY A 343 -21.51 21.25 13.13
C GLY A 343 -22.25 19.95 13.36
N HIS A 344 -21.66 18.85 12.88
CA HIS A 344 -22.23 17.52 13.08
C HIS A 344 -21.81 16.97 14.44
N GLU A 345 -22.72 16.25 15.09
CA GLU A 345 -22.43 15.67 16.39
C GLU A 345 -22.00 14.20 16.28
N GLY A 346 -21.79 13.74 15.06
CA GLY A 346 -21.40 12.36 14.83
C GLY A 346 -20.63 12.19 13.54
N GLU A 347 -20.08 11.00 13.34
CA GLU A 347 -19.48 10.59 12.07
C GLU A 347 -20.37 10.91 10.88
N ILE A 348 -19.80 11.57 9.87
CA ILE A 348 -20.51 11.79 8.63
C ILE A 348 -20.24 10.61 7.70
N SER A 349 -21.31 9.92 7.32
CA SER A 349 -21.18 8.69 6.54
C SER A 349 -21.32 8.94 5.04
N LYS A 350 -22.29 9.76 4.67
CA LYS A 350 -22.55 10.01 3.25
C LYS A 350 -22.26 11.43 2.82
N ILE A 351 -21.74 11.55 1.60
CA ILE A 351 -21.36 12.83 1.02
C ILE A 351 -21.79 12.80 -0.45
N SER A 352 -22.20 13.95 -0.98
CA SER A 352 -22.58 14.06 -2.38
C SER A 352 -22.80 15.50 -2.80
N PHE A 353 -22.40 15.83 -4.02
CA PHE A 353 -22.66 17.16 -4.57
C PHE A 353 -24.05 17.16 -5.20
N ASN A 354 -24.70 18.32 -5.21
CA ASN A 354 -25.94 18.46 -5.97
C ASN A 354 -25.58 18.52 -7.45
N PRO A 355 -26.52 18.17 -8.34
CA PRO A 355 -26.27 18.17 -9.79
C PRO A 355 -25.67 19.47 -10.32
N GLN A 356 -26.04 20.60 -9.74
CA GLN A 356 -25.47 21.88 -10.17
C GLN A 356 -24.03 22.04 -9.70
N GLY A 357 -23.75 21.55 -8.50
CA GLY A 357 -22.41 21.59 -7.96
C GLY A 357 -22.13 22.83 -7.12
N ASN A 358 -23.18 23.48 -6.64
CA ASN A 358 -23.05 24.68 -5.83
C ASN A 358 -23.36 24.40 -4.36
N HIS A 359 -24.12 23.33 -4.12
CA HIS A 359 -24.42 22.91 -2.75
C HIS A 359 -23.93 21.50 -2.48
N LEU A 360 -23.97 21.10 -1.22
CA LEU A 360 -23.42 19.83 -0.82
C LEU A 360 -24.23 19.24 0.33
N LEU A 361 -24.42 17.93 0.31
CA LEU A 361 -25.31 17.26 1.24
C LEU A 361 -24.60 16.22 2.12
N THR A 362 -24.94 16.18 3.41
CA THR A 362 -24.24 15.33 4.37
C THR A 362 -25.18 14.55 5.28
N GLY A 363 -25.00 13.23 5.34
CA GLY A 363 -25.72 12.40 6.28
C GLY A 363 -24.81 11.85 7.36
N SER A 364 -25.25 11.90 8.62
CA SER A 364 -24.39 11.55 9.74
C SER A 364 -25.09 10.75 10.83
N SER A 365 -24.28 10.22 11.75
CA SER A 365 -24.79 9.43 12.87
C SER A 365 -25.74 10.20 13.79
N ASP A 366 -25.65 11.53 13.80
CA ASP A 366 -26.44 12.31 14.76
C ASP A 366 -27.89 12.44 14.29
N LYS A 367 -28.33 11.49 13.47
CA LYS A 367 -29.71 11.43 12.96
C LYS A 367 -30.13 12.62 12.10
N THR A 368 -29.19 13.50 11.78
CA THR A 368 -29.52 14.69 10.98
C THR A 368 -28.80 14.70 9.63
N ALA A 369 -29.38 15.41 8.67
CA ALA A 369 -28.81 15.61 7.34
C ALA A 369 -28.71 17.11 7.04
N ARG A 370 -27.53 17.56 6.61
CA ARG A 370 -27.28 18.99 6.47
C ARG A 370 -26.95 19.42 5.03
N ILE A 371 -27.19 20.69 4.74
CA ILE A 371 -26.96 21.23 3.41
C ILE A 371 -25.99 22.42 3.47
N TRP A 372 -24.88 22.32 2.74
CA TRP A 372 -23.85 23.35 2.79
C TRP A 372 -23.63 24.07 1.45
N ASP A 373 -22.94 25.21 1.51
CA ASP A 373 -22.50 25.91 0.30
C ASP A 373 -21.11 25.45 -0.10
N ALA A 374 -20.93 25.15 -1.38
CA ALA A 374 -19.67 24.62 -1.88
C ALA A 374 -18.51 25.61 -1.86
N GLN A 375 -18.82 26.91 -1.81
CA GLN A 375 -17.78 27.92 -1.88
C GLN A 375 -17.46 28.57 -0.54
N THR A 376 -18.50 29.00 0.17
CA THR A 376 -18.32 29.53 1.51
C THR A 376 -18.04 28.43 2.52
N GLY A 377 -18.90 27.42 2.56
CA GLY A 377 -18.83 26.42 3.62
C GLY A 377 -19.91 26.55 4.68
N GLN A 378 -20.79 27.53 4.51
CA GLN A 378 -21.87 27.77 5.45
C GLN A 378 -22.89 26.64 5.43
N CYS A 379 -23.40 26.30 6.61
CA CYS A 379 -24.48 25.31 6.69
C CYS A 379 -25.81 25.98 6.38
N LEU A 380 -26.36 25.67 5.20
CA LEU A 380 -27.56 26.34 4.73
C LEU A 380 -28.84 25.83 5.41
N GLN A 381 -28.91 24.53 5.69
CA GLN A 381 -30.07 23.98 6.38
C GLN A 381 -29.77 22.65 7.06
N VAL A 382 -30.42 22.42 8.20
CA VAL A 382 -30.29 21.19 8.97
C VAL A 382 -31.60 20.42 8.94
N LEU A 383 -31.58 19.17 8.50
CA LEU A 383 -32.81 18.42 8.40
C LEU A 383 -32.92 17.34 9.47
N GLU A 384 -33.99 17.41 10.24
CA GLU A 384 -34.15 16.55 11.41
C GLU A 384 -35.46 15.77 11.32
N GLY A 385 -35.60 14.78 12.18
CA GLY A 385 -36.82 13.99 12.21
C GLY A 385 -36.55 12.52 12.44
N HIS A 386 -35.40 12.06 11.96
CA HIS A 386 -35.05 10.65 12.12
C HIS A 386 -34.59 10.36 13.54
N THR A 387 -34.80 9.12 13.96
CA THR A 387 -34.61 8.72 15.35
C THR A 387 -33.36 7.89 15.56
N ASP A 388 -32.65 7.57 14.47
CA ASP A 388 -31.38 6.88 14.59
C ASP A 388 -30.44 7.31 13.47
N GLU A 389 -29.38 6.56 13.21
CA GLU A 389 -28.33 7.01 12.29
C GLU A 389 -28.81 7.07 10.85
N ILE A 390 -28.21 7.96 10.06
CA ILE A 390 -28.60 8.14 8.66
C ILE A 390 -27.52 7.58 7.76
N PHE A 391 -27.85 6.54 7.01
CA PHE A 391 -26.88 5.87 6.15
C PHE A 391 -27.04 6.30 4.70
N SER A 392 -28.15 6.96 4.40
CA SER A 392 -28.46 7.34 3.03
C SER A 392 -29.01 8.74 2.92
N CYS A 393 -28.57 9.44 1.89
CA CYS A 393 -29.05 10.78 1.56
C CYS A 393 -28.59 11.15 0.16
N ALA A 394 -29.55 11.43 -0.73
CA ALA A 394 -29.23 11.65 -2.14
C ALA A 394 -30.24 12.56 -2.84
N PHE A 395 -29.75 13.35 -3.80
CA PHE A 395 -30.59 14.19 -4.64
C PHE A 395 -31.23 13.41 -5.79
N ASN A 396 -32.23 14.02 -6.42
CA ASN A 396 -32.70 13.58 -7.73
C ASN A 396 -31.90 14.32 -8.79
N TYR A 397 -32.08 13.95 -10.05
CA TYR A 397 -31.19 14.43 -11.12
C TYR A 397 -31.34 15.92 -11.40
N LYS A 398 -32.32 16.57 -10.78
CA LYS A 398 -32.47 18.02 -10.90
C LYS A 398 -32.31 18.73 -9.56
N GLY A 399 -31.97 17.97 -8.53
CA GLY A 399 -31.69 18.51 -7.21
C GLY A 399 -32.93 19.03 -6.50
N ASN A 400 -34.07 18.82 -7.13
CA ASN A 400 -35.38 19.10 -6.53
C ASN A 400 -35.59 18.38 -5.20
N ILE A 401 -35.33 17.07 -5.18
CA ILE A 401 -35.73 16.24 -4.05
C ILE A 401 -34.54 15.59 -3.33
N VAL A 402 -34.69 15.40 -2.03
CA VAL A 402 -33.69 14.73 -1.20
C VAL A 402 -34.34 13.53 -0.51
N ILE A 403 -33.68 12.38 -0.55
CA ILE A 403 -34.20 11.20 0.14
C ILE A 403 -33.21 10.72 1.19
N THR A 404 -33.69 10.53 2.42
CA THR A 404 -32.84 10.11 3.51
C THR A 404 -33.31 8.79 4.11
N GLY A 405 -32.42 7.81 4.15
CA GLY A 405 -32.67 6.54 4.79
C GLY A 405 -31.94 6.36 6.11
N SER A 406 -32.66 5.94 7.14
CA SER A 406 -32.07 5.82 8.48
C SER A 406 -32.09 4.41 9.06
N LYS A 407 -31.48 4.26 10.23
CA LYS A 407 -31.43 3.00 10.93
C LYS A 407 -32.75 2.69 11.63
N ASP A 408 -33.66 3.67 11.63
CA ASP A 408 -34.99 3.47 12.20
C ASP A 408 -35.95 2.89 11.16
N ASN A 409 -35.39 2.37 10.07
CA ASN A 409 -36.15 1.76 8.98
C ASN A 409 -37.16 2.70 8.35
N THR A 410 -36.83 3.99 8.29
CA THR A 410 -37.70 4.98 7.69
C THR A 410 -36.97 5.84 6.67
N CYS A 411 -37.58 6.01 5.51
CA CYS A 411 -37.06 6.92 4.49
C CYS A 411 -37.91 8.18 4.43
N ARG A 412 -37.27 9.34 4.48
CA ARG A 412 -38.01 10.60 4.39
C ARG A 412 -37.69 11.36 3.12
N ILE A 413 -38.72 11.94 2.54
CA ILE A 413 -38.60 12.68 1.30
C ILE A 413 -38.67 14.17 1.62
N TRP A 414 -37.77 14.95 1.02
CA TRP A 414 -37.73 16.39 1.22
C TRP A 414 -37.75 17.09 -0.12
N ARG A 415 -38.84 17.81 -0.39
CA ARG A 415 -39.00 18.51 -1.66
C ARG A 415 -38.63 19.98 -1.52
N THR B 81 44.03 -2.18 15.38
CA THR B 81 44.71 -1.62 14.22
C THR B 81 44.61 -2.55 13.01
N PHE B 82 44.35 -1.97 11.85
CA PHE B 82 44.22 -2.74 10.62
C PHE B 82 45.24 -2.28 9.59
N TYR B 83 45.59 -3.17 8.69
CA TYR B 83 46.51 -2.83 7.62
C TYR B 83 46.11 -3.42 6.28
N LEU B 84 46.59 -2.78 5.22
CA LEU B 84 46.46 -3.27 3.85
C LEU B 84 47.32 -4.52 3.65
N PHE B 85 46.82 -5.51 2.94
CA PHE B 85 47.64 -6.68 2.69
C PHE B 85 48.34 -6.44 1.34
N LYS B 86 47.55 -6.47 0.29
CA LYS B 86 47.93 -6.17 -1.09
C LYS B 86 46.61 -5.70 -1.69
N VAL B 87 46.59 -5.50 -3.00
CA VAL B 87 45.39 -5.00 -3.66
C VAL B 87 44.81 -6.01 -4.65
N LEU B 88 43.48 -6.15 -4.67
CA LEU B 88 42.85 -7.03 -5.64
C LEU B 88 41.81 -6.25 -6.43
N LYS B 89 42.06 -6.07 -7.73
CA LYS B 89 41.13 -5.38 -8.59
C LYS B 89 40.10 -6.39 -9.13
N ALA B 90 38.87 -6.26 -8.67
CA ALA B 90 37.84 -7.24 -8.96
C ALA B 90 37.51 -7.22 -10.45
N HIS B 91 37.01 -6.08 -10.92
CA HIS B 91 36.63 -5.93 -12.32
C HIS B 91 37.11 -4.58 -12.84
N ILE B 92 36.84 -4.29 -14.11
CA ILE B 92 37.16 -2.99 -14.68
C ILE B 92 35.88 -2.20 -14.97
N LEU B 93 34.76 -2.90 -15.04
CA LEU B 93 33.46 -2.25 -15.17
C LEU B 93 32.79 -2.20 -13.80
N PRO B 94 31.93 -1.19 -13.57
CA PRO B 94 31.40 -0.86 -12.24
C PRO B 94 30.95 -2.04 -11.38
N LEU B 95 31.28 -1.98 -10.10
CA LEU B 95 31.05 -3.06 -9.16
C LEU B 95 29.81 -2.74 -8.34
N THR B 96 28.92 -3.72 -8.17
CA THR B 96 27.63 -3.47 -7.54
C THR B 96 27.64 -3.69 -6.02
N ASN B 97 27.92 -4.92 -5.58
CA ASN B 97 27.88 -5.22 -4.15
C ASN B 97 28.96 -6.20 -3.68
N VAL B 98 29.37 -6.04 -2.43
CA VAL B 98 30.33 -6.94 -1.79
C VAL B 98 29.75 -7.54 -0.51
N ALA B 99 29.82 -8.86 -0.38
CA ALA B 99 29.29 -9.53 0.81
C ALA B 99 30.14 -10.74 1.20
N LEU B 100 30.48 -10.85 2.48
CA LEU B 100 31.30 -11.96 2.96
C LEU B 100 30.47 -13.10 3.57
N ASN B 101 31.11 -14.27 3.69
CA ASN B 101 30.52 -15.42 4.37
C ASN B 101 30.73 -15.29 5.88
N LYS B 102 30.10 -16.18 6.66
CA LYS B 102 30.01 -16.03 8.10
C LYS B 102 31.34 -16.03 8.84
N SER B 103 32.19 -17.01 8.57
CA SER B 103 33.49 -17.08 9.25
C SER B 103 34.49 -16.13 8.61
N GLY B 104 34.11 -15.58 7.47
CA GLY B 104 34.93 -14.59 6.80
C GLY B 104 35.76 -15.24 5.70
N SER B 105 35.74 -16.57 5.66
CA SER B 105 36.37 -17.35 4.61
C SER B 105 36.14 -16.78 3.23
N CYS B 106 34.87 -16.51 2.93
CA CYS B 106 34.46 -16.16 1.57
C CYS B 106 33.84 -14.78 1.44
N PHE B 107 34.08 -14.14 0.30
CA PHE B 107 33.32 -12.93 -0.03
C PHE B 107 32.95 -12.92 -1.52
N ILE B 108 31.68 -12.62 -1.79
CA ILE B 108 31.18 -12.52 -3.17
C ILE B 108 31.26 -11.10 -3.69
N THR B 109 31.42 -10.97 -5.00
CA THR B 109 31.49 -9.66 -5.61
C THR B 109 30.68 -9.67 -6.92
N GLY B 110 29.75 -8.73 -7.05
CA GLY B 110 29.01 -8.54 -8.28
C GLY B 110 29.47 -7.32 -9.02
N SER B 111 29.14 -7.22 -10.31
CA SER B 111 29.58 -6.09 -11.11
C SER B 111 28.75 -5.88 -12.37
N TYR B 112 29.09 -4.81 -13.09
CA TYR B 112 28.45 -4.47 -14.36
C TYR B 112 28.87 -5.37 -15.52
N ASP B 113 29.78 -6.32 -15.26
CA ASP B 113 30.21 -7.27 -16.28
C ASP B 113 29.30 -8.48 -16.36
N ARG B 114 28.03 -8.29 -16.00
CA ARG B 114 27.01 -9.33 -16.09
C ARG B 114 27.29 -10.53 -15.20
N THR B 115 28.35 -10.47 -14.41
CA THR B 115 28.81 -11.64 -13.66
C THR B 115 28.85 -11.45 -12.15
N CYS B 116 28.88 -12.57 -11.45
CA CYS B 116 29.19 -12.60 -10.03
C CYS B 116 30.36 -13.54 -9.83
N LYS B 117 31.40 -13.05 -9.18
CA LYS B 117 32.59 -13.89 -8.99
C LYS B 117 32.76 -14.27 -7.52
N LEU B 118 33.37 -15.42 -7.30
CA LEU B 118 33.46 -15.99 -5.97
C LEU B 118 34.91 -15.99 -5.46
N TRP B 119 35.20 -15.11 -4.50
CA TRP B 119 36.56 -14.99 -3.98
C TRP B 119 36.64 -15.52 -2.55
N ASP B 120 37.79 -16.04 -2.15
CA ASP B 120 38.02 -16.36 -0.74
C ASP B 120 39.07 -15.44 -0.14
N THR B 121 38.92 -15.16 1.14
CA THR B 121 39.66 -14.10 1.81
C THR B 121 41.14 -14.44 2.00
N ALA B 122 41.41 -15.70 2.33
CA ALA B 122 42.77 -16.14 2.63
C ALA B 122 43.64 -16.23 1.38
N SER B 123 43.13 -16.92 0.36
CA SER B 123 43.90 -17.13 -0.86
C SER B 123 43.81 -15.94 -1.81
N GLY B 124 42.61 -15.37 -1.90
CA GLY B 124 42.32 -14.33 -2.87
C GLY B 124 41.95 -14.92 -4.21
N GLU B 125 42.13 -16.24 -4.34
CA GLU B 125 41.65 -16.97 -5.50
C GLU B 125 40.17 -16.76 -5.77
N GLU B 126 39.85 -16.39 -7.00
CA GLU B 126 38.48 -16.41 -7.49
C GLU B 126 38.06 -17.85 -7.68
N LEU B 127 37.34 -18.40 -6.70
CA LEU B 127 36.93 -19.81 -6.72
C LEU B 127 36.11 -20.13 -7.95
N ASN B 128 34.93 -19.54 -8.04
CA ASN B 128 34.03 -19.78 -9.16
C ASN B 128 33.56 -18.45 -9.74
N THR B 129 33.14 -18.48 -11.00
CA THR B 129 32.54 -17.31 -11.64
C THR B 129 31.13 -17.65 -12.09
N LEU B 130 30.17 -16.82 -11.69
CA LEU B 130 28.77 -17.16 -11.90
C LEU B 130 28.21 -16.44 -13.13
N GLU B 131 28.19 -17.17 -14.25
CA GLU B 131 27.74 -16.62 -15.53
C GLU B 131 26.38 -17.19 -15.89
N GLY B 132 25.56 -16.38 -16.53
CA GLY B 132 24.24 -16.83 -16.94
C GLY B 132 23.23 -15.70 -17.04
N HIS B 133 23.46 -14.64 -16.27
CA HIS B 133 22.58 -13.48 -16.28
C HIS B 133 22.79 -12.63 -17.53
N ARG B 134 21.72 -11.99 -17.99
CA ARG B 134 21.75 -11.23 -19.23
C ARG B 134 21.93 -9.74 -18.93
N ASN B 135 22.34 -9.44 -17.71
CA ASN B 135 22.48 -8.05 -17.29
C ASN B 135 23.28 -7.92 -15.99
N VAL B 136 23.36 -6.69 -15.49
CA VAL B 136 24.15 -6.37 -14.31
C VAL B 136 23.55 -7.02 -13.06
N VAL B 137 24.37 -7.79 -12.35
CA VAL B 137 23.95 -8.40 -11.10
C VAL B 137 24.20 -7.43 -9.94
N TYR B 138 23.13 -6.95 -9.31
CA TYR B 138 23.24 -5.92 -8.29
C TYR B 138 23.15 -6.42 -6.86
N ALA B 139 22.12 -7.21 -6.57
CA ALA B 139 21.93 -7.65 -5.19
C ALA B 139 22.33 -9.10 -5.03
N ILE B 140 23.32 -9.33 -4.18
CA ILE B 140 23.82 -10.67 -3.90
C ILE B 140 24.05 -10.83 -2.41
N ALA B 141 23.90 -12.07 -1.93
CA ALA B 141 24.14 -12.37 -0.52
C ALA B 141 24.54 -13.83 -0.35
N PHE B 142 25.00 -14.17 0.84
CA PHE B 142 25.36 -15.55 1.15
C PHE B 142 24.25 -16.21 1.96
N ASN B 143 24.28 -17.54 2.02
CA ASN B 143 23.31 -18.29 2.80
C ASN B 143 23.68 -18.30 4.28
N ASN B 144 24.38 -17.27 4.73
CA ASN B 144 24.82 -17.15 6.11
C ASN B 144 23.65 -17.37 7.07
N PRO B 145 23.88 -18.10 8.17
CA PRO B 145 25.14 -18.69 8.64
C PRO B 145 25.66 -19.86 7.82
N TYR B 146 24.77 -20.54 7.10
CA TYR B 146 25.13 -21.79 6.42
C TYR B 146 26.16 -21.56 5.32
N GLY B 147 25.92 -20.55 4.49
CA GLY B 147 26.87 -20.17 3.46
C GLY B 147 27.16 -21.26 2.45
N ASP B 148 26.19 -22.13 2.21
CA ASP B 148 26.40 -23.22 1.25
C ASP B 148 25.72 -22.98 -0.09
N LYS B 149 24.93 -21.91 -0.19
CA LYS B 149 24.31 -21.54 -1.46
C LYS B 149 24.33 -20.03 -1.71
N ILE B 150 24.29 -19.64 -2.98
CA ILE B 150 24.33 -18.24 -3.39
C ILE B 150 23.11 -17.80 -4.20
N ALA B 151 22.48 -16.69 -3.82
CA ALA B 151 21.48 -16.08 -4.71
C ALA B 151 21.91 -14.74 -5.24
N THR B 152 21.52 -14.47 -6.46
CA THR B 152 21.91 -13.26 -7.17
C THR B 152 20.67 -12.63 -7.78
N GLY B 153 20.55 -11.31 -7.61
CA GLY B 153 19.46 -10.58 -8.20
C GLY B 153 20.09 -9.62 -9.18
N SER B 154 19.41 -9.39 -10.30
CA SER B 154 20.01 -8.61 -11.37
C SER B 154 19.04 -7.59 -11.95
N PHE B 155 19.55 -6.72 -12.80
CA PHE B 155 18.74 -5.68 -13.44
C PHE B 155 17.83 -6.20 -14.54
N ASP B 156 17.32 -7.41 -14.38
CA ASP B 156 16.30 -7.90 -15.28
C ASP B 156 15.09 -8.50 -14.54
N LYS B 157 14.46 -9.45 -15.21
CA LYS B 157 13.39 -10.29 -14.69
C LYS B 157 13.87 -11.25 -13.61
N THR B 158 15.19 -11.43 -13.55
CA THR B 158 15.76 -12.61 -12.93
C THR B 158 16.27 -12.59 -11.49
N CYS B 159 16.07 -13.73 -10.84
CA CYS B 159 16.77 -14.12 -9.62
C CYS B 159 17.31 -15.52 -9.84
N LYS B 160 18.63 -15.71 -9.71
CA LYS B 160 19.20 -17.06 -9.88
C LYS B 160 19.78 -17.55 -8.58
N LEU B 161 19.74 -18.86 -8.39
CA LEU B 161 20.32 -19.44 -7.19
C LEU B 161 21.38 -20.47 -7.49
N TRP B 162 22.50 -20.34 -6.81
CA TRP B 162 23.69 -21.13 -7.06
C TRP B 162 24.08 -21.84 -5.78
N SER B 163 25.00 -22.79 -5.89
CA SER B 163 25.65 -23.33 -4.72
C SER B 163 27.04 -22.71 -4.64
N VAL B 164 27.62 -22.70 -3.44
CA VAL B 164 29.00 -22.25 -3.29
C VAL B 164 29.99 -23.37 -3.58
N GLU B 165 29.53 -24.61 -3.42
CA GLU B 165 30.37 -25.77 -3.67
C GLU B 165 30.77 -25.85 -5.14
N THR B 166 29.77 -25.82 -6.01
CA THR B 166 29.97 -25.79 -7.45
C THR B 166 29.31 -24.57 -8.13
N GLY B 167 29.99 -24.03 -9.13
CA GLY B 167 29.53 -22.83 -9.82
C GLY B 167 28.44 -22.92 -10.88
N LYS B 168 27.50 -23.85 -10.73
CA LYS B 168 26.47 -24.06 -11.76
C LYS B 168 25.15 -23.39 -11.37
N CYS B 169 24.24 -23.24 -12.33
CA CYS B 169 22.97 -22.53 -12.09
C CYS B 169 21.84 -23.52 -11.80
N TYR B 170 21.29 -23.39 -10.60
CA TYR B 170 20.30 -24.32 -10.08
C TYR B 170 18.82 -23.97 -10.26
N HIS B 171 18.39 -22.84 -9.74
CA HIS B 171 16.97 -22.53 -9.68
C HIS B 171 16.63 -21.28 -10.48
N THR B 172 15.45 -21.32 -11.11
CA THR B 172 14.96 -20.20 -11.92
C THR B 172 13.78 -19.44 -11.35
N PHE B 173 13.97 -18.13 -11.19
CA PHE B 173 12.89 -17.29 -10.73
C PHE B 173 12.64 -16.10 -11.66
N ARG B 174 11.54 -16.17 -12.40
CA ARG B 174 11.15 -15.10 -13.31
C ARG B 174 9.76 -14.62 -12.94
N GLY B 175 9.48 -13.34 -13.14
CA GLY B 175 8.17 -12.80 -12.82
C GLY B 175 8.15 -11.33 -12.43
N HIS B 176 9.26 -10.84 -11.87
CA HIS B 176 9.36 -9.43 -11.52
C HIS B 176 9.31 -8.57 -12.79
N THR B 177 8.55 -7.49 -12.74
CA THR B 177 8.34 -6.66 -13.91
C THR B 177 9.23 -5.42 -13.96
N ALA B 178 10.35 -5.45 -13.22
CA ALA B 178 11.33 -4.38 -13.27
C ALA B 178 12.66 -4.85 -12.67
N GLU B 179 13.61 -3.93 -12.56
CA GLU B 179 14.93 -4.24 -12.02
C GLU B 179 14.82 -4.81 -10.61
N ILE B 180 15.51 -5.92 -10.37
CA ILE B 180 15.55 -6.51 -9.03
C ILE B 180 16.80 -6.03 -8.31
N VAL B 181 16.60 -5.34 -7.19
CA VAL B 181 17.69 -4.62 -6.54
C VAL B 181 17.92 -5.01 -5.08
N CYS B 182 16.98 -5.72 -4.49
CA CYS B 182 17.13 -6.02 -3.06
C CYS B 182 16.65 -7.41 -2.68
N LEU B 183 17.54 -8.22 -2.14
CA LEU B 183 17.17 -9.58 -1.75
C LEU B 183 17.83 -10.00 -0.44
N SER B 184 17.20 -10.95 0.24
CA SER B 184 17.68 -11.46 1.50
C SER B 184 17.06 -12.83 1.74
N PHE B 185 17.72 -13.65 2.53
CA PHE B 185 17.17 -14.95 2.91
C PHE B 185 16.56 -15.07 4.29
N ASN B 186 15.89 -16.20 4.49
CA ASN B 186 15.11 -16.52 5.68
C ASN B 186 15.88 -17.51 6.57
N PRO B 187 15.59 -17.50 7.88
CA PRO B 187 16.01 -18.56 8.81
C PRO B 187 15.78 -19.97 8.28
N GLN B 188 16.67 -20.89 8.63
CA GLN B 188 16.59 -22.29 8.22
C GLN B 188 16.89 -22.41 6.73
N SER B 189 17.33 -21.31 6.13
CA SER B 189 17.53 -21.22 4.69
C SER B 189 16.26 -21.67 4.04
N THR B 190 15.18 -20.96 4.35
CA THR B 190 13.84 -21.27 3.86
C THR B 190 13.79 -21.18 2.35
N LEU B 191 13.44 -19.98 1.90
CA LEU B 191 13.13 -19.68 0.51
C LEU B 191 13.59 -18.25 0.30
N VAL B 192 13.31 -17.64 -0.85
CA VAL B 192 13.87 -16.32 -1.11
C VAL B 192 12.81 -15.23 -1.28
N ALA B 193 13.06 -14.10 -0.62
CA ALA B 193 12.25 -12.90 -0.78
C ALA B 193 13.04 -11.86 -1.57
N THR B 194 12.45 -11.37 -2.65
CA THR B 194 13.11 -10.43 -3.53
C THR B 194 12.42 -9.07 -3.57
N GLY B 195 13.19 -8.01 -3.34
CA GLY B 195 12.66 -6.67 -3.46
C GLY B 195 13.12 -6.07 -4.77
N SER B 196 12.17 -5.72 -5.62
CA SER B 196 12.48 -5.20 -6.95
C SER B 196 11.81 -3.85 -7.14
N MET B 197 12.22 -3.15 -8.19
CA MET B 197 11.68 -1.83 -8.45
C MET B 197 10.37 -1.89 -9.22
N ASP B 198 9.82 -3.09 -9.36
CA ASP B 198 8.47 -3.27 -9.91
C ASP B 198 7.42 -2.89 -8.88
N THR B 199 7.89 -2.31 -7.77
CA THR B 199 7.08 -1.77 -6.69
C THR B 199 6.51 -2.90 -5.83
N THR B 200 6.97 -4.13 -6.10
CA THR B 200 6.51 -5.29 -5.35
C THR B 200 7.67 -6.07 -4.74
N ALA B 201 7.35 -6.87 -3.73
CA ALA B 201 8.27 -7.88 -3.23
C ALA B 201 7.66 -9.23 -3.51
N LYS B 202 8.49 -10.26 -3.69
CA LYS B 202 7.96 -11.59 -3.95
C LYS B 202 8.70 -12.65 -3.17
N LEU B 203 7.95 -13.65 -2.72
CA LEU B 203 8.54 -14.79 -2.02
C LEU B 203 8.57 -15.97 -2.99
N TRP B 204 9.75 -16.52 -3.21
CA TRP B 204 9.92 -17.65 -4.12
C TRP B 204 10.38 -18.86 -3.33
N ASP B 205 9.88 -20.05 -3.68
CA ASP B 205 10.29 -21.30 -3.07
C ASP B 205 11.58 -21.80 -3.73
N ILE B 206 12.40 -22.53 -2.99
CA ILE B 206 13.74 -22.87 -3.46
C ILE B 206 13.99 -24.38 -3.54
N GLN B 207 13.65 -25.09 -2.47
CA GLN B 207 13.72 -26.55 -2.48
C GLN B 207 12.76 -27.05 -3.55
N ASN B 208 11.77 -26.22 -3.86
CA ASN B 208 10.76 -26.54 -4.84
C ASN B 208 10.89 -25.69 -6.13
N GLY B 209 10.91 -24.36 -6.03
CA GLY B 209 11.13 -23.51 -7.21
C GLY B 209 9.98 -22.58 -7.58
N GLU B 210 8.99 -22.61 -6.72
CA GLU B 210 7.77 -21.82 -6.84
C GLU B 210 7.92 -20.37 -6.36
N GLU B 211 7.31 -19.38 -7.01
CA GLU B 211 6.98 -18.18 -6.24
C GLU B 211 5.75 -18.59 -5.45
N VAL B 212 5.72 -18.30 -4.16
CA VAL B 212 4.56 -18.68 -3.34
C VAL B 212 3.68 -17.48 -2.99
N TYR B 213 4.27 -16.31 -2.82
CA TYR B 213 3.49 -15.12 -2.47
C TYR B 213 4.01 -13.85 -3.12
N THR B 214 3.09 -12.92 -3.37
CA THR B 214 3.44 -11.60 -3.84
C THR B 214 3.07 -10.53 -2.81
N LEU B 215 4.07 -9.79 -2.35
CA LEU B 215 3.85 -8.78 -1.31
C LEU B 215 3.63 -7.41 -1.97
N ARG B 216 2.36 -7.03 -2.12
CA ARG B 216 2.02 -5.74 -2.72
C ARG B 216 1.48 -4.78 -1.67
N GLY B 217 2.24 -3.75 -1.36
CA GLY B 217 1.84 -2.78 -0.35
C GLY B 217 2.61 -1.47 -0.46
N HIS B 218 3.40 -1.33 -1.51
CA HIS B 218 4.20 -0.14 -1.73
C HIS B 218 3.78 0.60 -2.99
N SER B 219 4.06 1.90 -3.02
CA SER B 219 3.80 2.71 -4.18
C SER B 219 5.12 3.09 -4.86
N ALA B 220 6.23 2.63 -4.27
CA ALA B 220 7.54 2.93 -4.81
C ALA B 220 8.53 1.77 -4.71
N GLU B 221 9.74 2.02 -5.20
CA GLU B 221 10.85 1.07 -5.20
C GLU B 221 11.17 0.50 -3.82
N ILE B 222 11.36 -0.82 -3.74
CA ILE B 222 11.87 -1.44 -2.52
C ILE B 222 13.39 -1.54 -2.61
N ILE B 223 14.09 -0.95 -1.64
CA ILE B 223 15.55 -0.91 -1.70
C ILE B 223 16.25 -1.53 -0.49
N SER B 224 15.50 -1.81 0.58
CA SER B 224 16.08 -2.30 1.82
C SER B 224 15.54 -3.66 2.22
N LEU B 225 16.32 -4.35 3.06
CA LEU B 225 16.05 -5.74 3.39
C LEU B 225 16.29 -6.08 4.85
N SER B 226 15.53 -7.05 5.33
CA SER B 226 15.61 -7.47 6.71
C SER B 226 14.80 -8.73 6.92
N PHE B 227 15.31 -9.64 7.75
CA PHE B 227 14.45 -10.68 8.29
C PHE B 227 14.57 -10.71 9.80
N ASN B 228 13.46 -10.91 10.49
CA ASN B 228 13.55 -11.11 11.93
C ASN B 228 14.08 -12.50 12.22
N THR B 229 14.67 -12.68 13.39
CA THR B 229 15.04 -14.00 13.83
C THR B 229 13.72 -14.75 14.01
N SER B 230 13.68 -15.98 13.52
CA SER B 230 12.50 -16.85 13.40
C SER B 230 11.73 -16.65 12.10
N GLY B 231 12.00 -15.57 11.38
CA GLY B 231 11.44 -15.38 10.05
C GLY B 231 9.94 -15.25 9.92
N ASP B 232 9.26 -14.83 10.98
CA ASP B 232 7.81 -14.68 10.92
C ASP B 232 7.44 -13.42 10.15
N ARG B 233 8.29 -12.41 10.23
CA ARG B 233 8.03 -11.15 9.58
C ARG B 233 9.15 -10.73 8.64
N ILE B 234 8.80 -9.84 7.71
CA ILE B 234 9.76 -9.20 6.82
C ILE B 234 9.40 -7.73 6.64
N ILE B 235 10.34 -6.83 6.88
CA ILE B 235 10.06 -5.41 6.72
C ILE B 235 10.61 -4.94 5.38
N THR B 236 9.78 -4.21 4.64
CA THR B 236 10.18 -3.71 3.33
C THR B 236 10.22 -2.18 3.35
N GLY B 237 11.41 -1.64 3.16
CA GLY B 237 11.61 -0.20 3.10
C GLY B 237 11.52 0.29 1.68
N SER B 238 11.01 1.50 1.49
CA SER B 238 10.75 2.01 0.15
C SER B 238 10.99 3.50 0.00
N PHE B 239 10.98 3.95 -1.25
CA PHE B 239 11.22 5.34 -1.60
C PHE B 239 9.93 6.18 -1.44
N ASP B 240 8.88 5.53 -0.98
CA ASP B 240 7.61 6.23 -0.73
C ASP B 240 7.48 6.66 0.73
N HIS B 241 8.62 6.75 1.41
CA HIS B 241 8.72 7.25 2.79
C HIS B 241 8.01 6.33 3.78
N THR B 242 7.75 5.10 3.37
CA THR B 242 7.02 4.16 4.21
C THR B 242 7.75 2.83 4.42
N VAL B 243 7.64 2.28 5.62
CA VAL B 243 8.03 0.91 5.87
C VAL B 243 6.78 0.07 6.05
N VAL B 244 6.74 -1.07 5.37
CA VAL B 244 5.63 -2.00 5.52
C VAL B 244 6.14 -3.28 6.16
N VAL B 245 5.51 -3.68 7.26
CA VAL B 245 5.92 -4.90 7.94
C VAL B 245 5.03 -6.05 7.51
N TRP B 246 5.62 -6.97 6.76
CA TRP B 246 4.87 -8.12 6.27
C TRP B 246 5.08 -9.29 7.21
N ASP B 247 4.16 -10.25 7.16
CA ASP B 247 4.37 -11.52 7.81
C ASP B 247 4.62 -12.58 6.75
N ALA B 248 5.72 -13.32 6.91
CA ALA B 248 6.09 -14.36 5.97
C ALA B 248 5.09 -15.49 6.04
N ASP B 249 4.33 -15.53 7.14
CA ASP B 249 3.31 -16.54 7.36
C ASP B 249 2.20 -16.42 6.35
N THR B 250 1.41 -15.35 6.49
CA THR B 250 0.24 -15.10 5.63
C THR B 250 0.66 -14.47 4.30
N GLY B 251 1.58 -13.53 4.38
CA GLY B 251 2.03 -12.78 3.22
C GLY B 251 1.32 -11.45 3.14
N ARG B 252 0.62 -11.10 4.22
CA ARG B 252 -0.07 -9.82 4.32
C ARG B 252 0.69 -8.82 5.18
N LYS B 253 0.35 -7.55 5.04
CA LYS B 253 0.95 -6.50 5.86
C LYS B 253 0.52 -6.62 7.31
N VAL B 254 1.49 -6.57 8.22
CA VAL B 254 1.18 -6.57 9.64
C VAL B 254 0.88 -5.14 10.08
N ASN B 255 1.83 -4.24 9.84
CA ASN B 255 1.59 -2.82 10.04
C ASN B 255 2.45 -2.01 9.07
N ILE B 256 2.02 -0.78 8.82
CA ILE B 256 2.74 0.13 7.93
C ILE B 256 3.30 1.30 8.74
N LEU B 257 4.62 1.36 8.84
CA LEU B 257 5.30 2.42 9.59
C LEU B 257 5.30 3.72 8.80
N ILE B 258 4.65 4.74 9.34
CA ILE B 258 4.52 6.03 8.67
C ILE B 258 5.05 7.16 9.54
N GLY B 259 5.75 8.11 8.92
CA GLY B 259 6.30 9.24 9.66
C GLY B 259 7.49 9.90 8.98
N HIS B 260 8.23 9.13 8.19
CA HIS B 260 9.37 9.68 7.47
C HIS B 260 8.90 10.64 6.38
N CYS B 261 9.67 11.69 6.13
CA CYS B 261 9.27 12.73 5.18
C CYS B 261 10.05 12.65 3.87
N ALA B 262 10.96 11.68 3.76
CA ALA B 262 11.72 11.48 2.53
C ALA B 262 12.12 10.02 2.38
N GLU B 263 12.73 9.69 1.24
CA GLU B 263 13.09 8.31 0.91
C GLU B 263 13.83 7.61 2.04
N ILE B 264 13.53 6.35 2.25
CA ILE B 264 14.10 5.58 3.35
C ILE B 264 15.34 4.83 2.89
N SER B 265 16.46 5.02 3.59
CA SER B 265 17.71 4.37 3.22
C SER B 265 17.78 2.92 3.69
N SER B 266 17.70 2.71 5.00
CA SER B 266 17.90 1.38 5.55
C SER B 266 16.97 1.09 6.72
N ALA B 267 16.81 -0.20 7.00
CA ALA B 267 16.00 -0.66 8.11
C ALA B 267 16.33 -2.11 8.44
N SER B 268 16.40 -2.41 9.74
N SER B 268 16.43 -2.40 9.74
CA SER B 268 16.74 -3.75 10.20
CA SER B 268 16.71 -3.76 10.20
C SER B 268 16.25 -3.94 11.64
C SER B 268 16.26 -3.95 11.64
N PHE B 269 16.14 -5.21 12.05
CA PHE B 269 15.71 -5.53 13.40
C PHE B 269 16.87 -5.50 14.42
N ASN B 270 16.52 -5.28 15.67
CA ASN B 270 17.47 -5.43 16.78
C ASN B 270 17.50 -6.85 17.32
N TRP B 271 18.33 -7.06 18.34
CA TRP B 271 18.51 -8.35 18.98
C TRP B 271 17.21 -8.99 19.42
N ASP B 272 16.33 -8.18 20.02
CA ASP B 272 15.05 -8.65 20.54
C ASP B 272 14.03 -8.75 19.39
N CYS B 273 14.30 -8.02 18.31
CA CYS B 273 13.37 -7.87 17.19
C CYS B 273 12.05 -7.28 17.68
N SER B 274 12.14 -6.45 18.73
CA SER B 274 10.98 -5.71 19.22
C SER B 274 10.95 -4.30 18.67
N LEU B 275 12.09 -3.84 18.19
CA LEU B 275 12.20 -2.48 17.69
C LEU B 275 12.81 -2.48 16.30
N ILE B 276 12.32 -1.58 15.46
CA ILE B 276 12.86 -1.39 14.12
C ILE B 276 13.50 0.00 14.03
N LEU B 277 14.72 0.04 13.49
CA LEU B 277 15.42 1.31 13.34
C LEU B 277 15.45 1.70 11.87
N THR B 278 14.83 2.83 11.56
CA THR B 278 14.76 3.30 10.17
C THR B 278 15.51 4.60 9.97
N GLY B 279 16.12 4.74 8.79
CA GLY B 279 16.76 5.98 8.39
C GLY B 279 16.17 6.47 7.08
N SER B 280 16.19 7.78 6.86
CA SER B 280 15.58 8.33 5.66
C SER B 280 16.27 9.63 5.21
N MET B 281 15.91 10.10 4.02
CA MET B 281 16.56 11.27 3.43
C MET B 281 16.04 12.59 3.98
N ASP B 282 15.12 12.52 4.94
CA ASP B 282 14.54 13.70 5.57
C ASP B 282 15.24 14.12 6.87
N LYS B 283 16.53 13.83 6.96
CA LYS B 283 17.37 14.25 8.09
C LYS B 283 17.03 13.57 9.42
N THR B 284 16.17 12.56 9.38
CA THR B 284 15.67 11.96 10.62
C THR B 284 15.89 10.45 10.66
N CYS B 285 16.11 9.93 11.86
CA CYS B 285 16.08 8.49 12.09
C CYS B 285 14.93 8.18 13.04
N LYS B 286 14.09 7.21 12.67
CA LYS B 286 12.95 6.90 13.51
C LYS B 286 13.01 5.48 14.05
N LEU B 287 12.50 5.31 15.28
CA LEU B 287 12.60 4.05 16.00
C LEU B 287 11.22 3.51 16.32
N TRP B 288 10.86 2.40 15.69
CA TRP B 288 9.49 1.88 15.75
C TRP B 288 9.40 0.62 16.60
N ASP B 289 8.22 0.37 17.16
CA ASP B 289 7.97 -0.88 17.88
C ASP B 289 7.54 -1.97 16.92
N ALA B 290 8.17 -3.13 16.99
CA ALA B 290 7.86 -4.23 16.09
C ALA B 290 6.49 -4.84 16.41
N THR B 291 6.09 -4.75 17.68
CA THR B 291 4.82 -5.32 18.11
C THR B 291 3.63 -4.70 17.35
N ASN B 292 3.34 -3.44 17.62
CA ASN B 292 2.17 -2.79 17.03
C ASN B 292 2.53 -1.99 15.79
N GLY B 293 3.77 -1.52 15.74
CA GLY B 293 4.22 -0.68 14.65
C GLY B 293 4.14 0.80 14.95
N LYS B 294 4.14 1.12 16.24
CA LYS B 294 4.11 2.53 16.67
C LYS B 294 5.52 3.10 16.74
N CYS B 295 5.66 4.35 16.34
CA CYS B 295 6.94 5.05 16.40
C CYS B 295 7.27 5.45 17.83
N VAL B 296 8.29 4.82 18.41
CA VAL B 296 8.66 5.08 19.78
C VAL B 296 9.61 6.27 19.89
N ALA B 297 10.50 6.44 18.91
CA ALA B 297 11.48 7.52 18.96
C ALA B 297 11.75 8.20 17.61
N THR B 298 12.03 9.49 17.67
CA THR B 298 12.46 10.26 16.51
C THR B 298 13.77 10.98 16.82
N LEU B 299 14.82 10.63 16.09
CA LEU B 299 16.19 11.08 16.41
C LEU B 299 16.67 12.24 15.55
N THR B 300 17.18 13.27 16.22
CA THR B 300 17.56 14.53 15.60
C THR B 300 19.10 14.67 15.60
N GLY B 301 19.64 15.46 14.67
CA GLY B 301 21.04 15.84 14.70
C GLY B 301 21.68 16.05 13.34
N HIS B 302 21.32 15.21 12.38
CA HIS B 302 21.91 15.27 11.04
C HIS B 302 21.37 16.47 10.25
N ASP B 303 22.19 17.03 9.38
CA ASP B 303 21.83 18.24 8.66
C ASP B 303 21.44 18.01 7.20
N ASP B 304 21.47 16.75 6.77
CA ASP B 304 21.09 16.41 5.40
C ASP B 304 20.65 14.95 5.35
N GLU B 305 20.62 14.38 4.15
CA GLU B 305 20.12 13.03 3.94
C GLU B 305 20.82 11.99 4.81
N ILE B 306 20.11 10.90 5.10
CA ILE B 306 20.67 9.78 5.84
C ILE B 306 20.87 8.58 4.92
N LEU B 307 22.08 8.04 4.87
CA LEU B 307 22.38 6.97 3.93
C LEU B 307 22.33 5.58 4.55
N ASP B 308 22.57 5.48 5.85
CA ASP B 308 22.49 4.19 6.52
C ASP B 308 22.24 4.30 8.04
N SER B 309 21.72 3.23 8.62
CA SER B 309 21.48 3.16 10.07
C SER B 309 21.60 1.70 10.53
N CYS B 310 22.14 1.50 11.73
CA CYS B 310 22.37 0.15 12.21
C CYS B 310 22.34 0.04 13.73
N PHE B 311 21.85 -1.10 14.20
CA PHE B 311 22.10 -1.52 15.55
C PHE B 311 23.45 -2.22 15.51
N ASP B 312 23.98 -2.55 16.69
CA ASP B 312 25.10 -3.46 16.81
C ASP B 312 24.63 -4.86 17.19
N TYR B 313 25.57 -5.75 17.46
CA TYR B 313 25.24 -7.13 17.75
C TYR B 313 24.41 -7.20 19.03
N THR B 314 24.70 -6.32 19.98
CA THR B 314 23.97 -6.31 21.25
C THR B 314 22.57 -5.65 21.17
N GLY B 315 22.43 -4.63 20.32
CA GLY B 315 21.22 -3.81 20.23
C GLY B 315 21.09 -2.69 21.23
N LYS B 316 22.09 -2.57 22.09
CA LYS B 316 22.18 -1.55 23.13
C LYS B 316 22.40 -0.16 22.54
N LEU B 317 23.19 -0.10 21.47
CA LEU B 317 23.48 1.21 20.87
C LEU B 317 22.91 1.32 19.47
N ILE B 318 22.98 2.54 18.93
CA ILE B 318 22.48 2.83 17.58
C ILE B 318 23.48 3.69 16.81
N ALA B 319 23.70 3.34 15.55
CA ALA B 319 24.64 4.08 14.70
C ALA B 319 23.93 4.55 13.44
N THR B 320 24.23 5.78 13.03
CA THR B 320 23.57 6.40 11.88
C THR B 320 24.57 7.07 10.95
N ALA B 321 24.54 6.70 9.67
CA ALA B 321 25.38 7.34 8.67
C ALA B 321 24.52 8.29 7.83
N SER B 322 25.08 9.45 7.48
CA SER B 322 24.32 10.45 6.75
C SER B 322 25.08 11.14 5.61
N ALA B 323 24.32 11.82 4.76
CA ALA B 323 24.89 12.59 3.65
C ALA B 323 25.34 13.96 4.15
N ASP B 324 25.05 14.23 5.42
CA ASP B 324 25.55 15.43 6.11
C ASP B 324 27.08 15.31 6.16
N GLY B 325 27.55 14.07 6.08
CA GLY B 325 28.98 13.81 6.15
C GLY B 325 29.41 13.49 7.57
N THR B 326 28.45 13.47 8.49
CA THR B 326 28.73 13.14 9.89
C THR B 326 28.16 11.77 10.26
N ALA B 327 28.70 11.18 11.32
CA ALA B 327 28.17 9.93 11.85
C ALA B 327 27.73 10.14 13.29
N ARG B 328 26.54 9.64 13.62
CA ARG B 328 25.98 9.87 14.95
C ARG B 328 25.71 8.57 15.71
N ILE B 329 25.98 8.58 17.02
CA ILE B 329 25.77 7.41 17.86
C ILE B 329 24.76 7.67 18.98
N PHE B 330 23.66 6.92 18.95
CA PHE B 330 22.64 7.05 20.00
C PHE B 330 22.53 5.86 20.95
N SER B 331 21.65 6.03 21.93
CA SER B 331 21.28 4.99 22.88
C SER B 331 20.01 4.29 22.41
N ALA B 332 19.94 2.98 22.65
CA ALA B 332 18.71 2.25 22.37
C ALA B 332 17.62 2.68 23.33
N ALA B 333 17.95 2.70 24.62
CA ALA B 333 16.96 2.93 25.67
C ALA B 333 16.76 4.42 25.98
N THR B 334 17.84 5.18 26.00
CA THR B 334 17.80 6.58 26.39
C THR B 334 17.54 7.47 25.18
N ARG B 335 18.06 7.06 24.03
CA ARG B 335 17.91 7.77 22.75
C ARG B 335 18.53 9.17 22.70
N LYS B 336 19.10 9.62 23.80
CA LYS B 336 19.90 10.85 23.76
C LYS B 336 21.17 10.51 23.00
N CYS B 337 21.60 11.41 22.12
CA CYS B 337 22.80 11.16 21.35
C CYS B 337 24.00 11.05 22.28
N ILE B 338 24.79 10.00 22.11
CA ILE B 338 25.95 9.76 22.96
C ILE B 338 27.22 10.40 22.41
N ALA B 339 27.41 10.32 21.09
CA ALA B 339 28.62 10.84 20.48
C ALA B 339 28.43 11.22 19.00
N LYS B 340 29.31 12.08 18.52
CA LYS B 340 29.39 12.45 17.11
C LYS B 340 30.74 12.02 16.55
N LEU B 341 30.74 11.44 15.35
CA LEU B 341 31.98 11.01 14.72
C LEU B 341 32.31 11.91 13.54
N GLU B 342 33.40 12.67 13.68
CA GLU B 342 33.78 13.65 12.67
C GLU B 342 35.25 13.55 12.25
N GLY B 343 35.55 14.13 11.10
CA GLY B 343 36.88 14.07 10.53
C GLY B 343 36.77 13.80 9.05
N HIS B 344 35.52 13.72 8.59
CA HIS B 344 35.20 13.40 7.22
C HIS B 344 35.28 14.58 6.26
N GLU B 345 35.81 14.32 5.07
CA GLU B 345 35.85 15.31 4.01
C GLU B 345 34.75 15.01 3.01
N GLY B 346 33.92 14.02 3.34
CA GLY B 346 32.90 13.57 2.40
C GLY B 346 31.65 12.89 2.94
N GLU B 347 30.75 12.66 2.00
CA GLU B 347 29.57 11.82 2.15
C GLU B 347 29.87 10.49 2.87
N ILE B 348 29.12 10.20 3.94
CA ILE B 348 29.24 8.91 4.61
C ILE B 348 28.25 7.89 4.04
N SER B 349 28.78 6.81 3.48
CA SER B 349 27.94 5.85 2.76
C SER B 349 27.47 4.65 3.57
N LYS B 350 28.37 4.05 4.35
CA LYS B 350 28.02 2.86 5.11
CA LYS B 350 28.01 2.85 5.10
C LYS B 350 28.43 2.93 6.57
N ILE B 351 27.73 2.17 7.40
CA ILE B 351 28.00 2.09 8.83
C ILE B 351 27.86 0.63 9.29
N SER B 352 28.66 0.23 10.26
CA SER B 352 28.55 -1.12 10.83
C SER B 352 29.40 -1.30 12.08
N PHE B 353 28.83 -2.00 13.05
CA PHE B 353 29.51 -2.38 14.27
C PHE B 353 30.27 -3.69 14.11
N ASN B 354 31.32 -3.86 14.90
CA ASN B 354 31.99 -5.14 14.99
C ASN B 354 31.09 -6.09 15.79
N PRO B 355 31.29 -7.41 15.64
CA PRO B 355 30.55 -8.36 16.46
C PRO B 355 30.66 -8.11 17.98
N GLN B 356 31.81 -7.58 18.43
CA GLN B 356 32.03 -7.31 19.85
C GLN B 356 31.26 -6.10 20.37
N GLY B 357 31.15 -5.07 19.53
CA GLY B 357 30.43 -3.86 19.87
C GLY B 357 31.30 -2.77 20.50
N ASN B 358 32.62 -2.82 20.27
CA ASN B 358 33.47 -1.79 20.86
C ASN B 358 34.03 -0.77 19.86
N HIS B 359 34.23 -1.14 18.60
CA HIS B 359 34.58 -0.11 17.62
C HIS B 359 33.59 -0.10 16.45
N LEU B 360 33.73 0.88 15.56
CA LEU B 360 32.73 1.09 14.51
C LEU B 360 33.39 1.48 13.19
N LEU B 361 32.84 0.98 12.09
CA LEU B 361 33.46 1.10 10.77
C LEU B 361 32.63 1.93 9.80
N THR B 362 33.32 2.79 9.04
CA THR B 362 32.68 3.73 8.15
C THR B 362 33.34 3.75 6.77
N GLY B 363 32.54 3.58 5.72
CA GLY B 363 33.04 3.76 4.37
C GLY B 363 32.43 5.02 3.81
N SER B 364 33.24 5.86 3.16
CA SER B 364 32.76 7.16 2.73
C SER B 364 33.26 7.58 1.36
N SER B 365 32.59 8.58 0.79
CA SER B 365 32.90 9.13 -0.53
C SER B 365 34.26 9.81 -0.66
N ASP B 366 34.85 10.24 0.44
CA ASP B 366 36.05 11.07 0.36
C ASP B 366 37.29 10.27 -0.02
N LYS B 367 38.10 9.87 0.95
CA LYS B 367 39.31 9.11 0.66
C LYS B 367 39.28 7.78 1.39
N THR B 368 38.21 7.56 2.14
CA THR B 368 38.35 6.78 3.36
C THR B 368 37.57 5.50 3.55
N ALA B 369 38.15 4.63 4.36
CA ALA B 369 37.41 3.74 5.23
C ALA B 369 38.00 3.99 6.63
N ARG B 370 37.15 4.39 7.57
CA ARG B 370 37.65 4.76 8.90
C ARG B 370 37.04 3.95 10.02
N ILE B 371 37.78 3.88 11.12
CA ILE B 371 37.39 3.09 12.27
C ILE B 371 37.29 3.88 13.56
N TRP B 372 36.10 3.85 14.17
CA TRP B 372 35.85 4.64 15.36
C TRP B 372 35.54 3.79 16.57
N ASP B 373 35.70 4.41 17.73
CA ASP B 373 35.32 3.84 19.02
C ASP B 373 33.89 4.29 19.33
N ALA B 374 33.03 3.35 19.73
CA ALA B 374 31.62 3.65 19.96
C ALA B 374 31.36 4.55 21.16
N GLN B 375 32.34 4.64 22.05
CA GLN B 375 32.15 5.43 23.27
C GLN B 375 32.92 6.77 23.21
N THR B 376 34.14 6.79 22.66
CA THR B 376 34.92 8.03 22.57
C THR B 376 34.35 9.03 21.58
N GLY B 377 34.30 8.57 20.34
CA GLY B 377 34.04 9.38 19.18
C GLY B 377 35.33 9.63 18.44
N GLN B 378 36.47 9.22 19.01
CA GLN B 378 37.75 9.38 18.32
C GLN B 378 37.95 8.37 17.19
N CYS B 379 38.58 8.82 16.11
CA CYS B 379 38.92 7.94 15.00
C CYS B 379 40.18 7.14 15.34
N LEU B 380 40.01 5.84 15.55
CA LEU B 380 41.11 5.00 15.99
C LEU B 380 42.09 4.75 14.85
N GLN B 381 41.57 4.66 13.63
CA GLN B 381 42.43 4.52 12.47
C GLN B 381 41.77 4.97 11.17
N VAL B 382 42.57 5.59 10.30
CA VAL B 382 42.14 5.95 8.97
C VAL B 382 42.97 5.11 8.03
N LEU B 383 42.36 4.16 7.34
CA LEU B 383 43.16 3.33 6.46
C LEU B 383 42.75 3.48 5.00
N GLU B 384 43.78 3.67 4.19
CA GLU B 384 43.63 4.17 2.83
C GLU B 384 44.15 3.18 1.81
N GLY B 385 43.96 3.49 0.53
CA GLY B 385 44.42 2.61 -0.54
C GLY B 385 43.52 2.67 -1.75
N HIS B 386 42.24 2.93 -1.53
CA HIS B 386 41.29 3.05 -2.62
C HIS B 386 41.44 4.37 -3.33
N THR B 387 41.05 4.41 -4.59
CA THR B 387 41.32 5.56 -5.42
C THR B 387 40.08 6.43 -5.59
N ASP B 388 38.94 5.95 -5.12
CA ASP B 388 37.74 6.79 -5.11
C ASP B 388 36.80 6.36 -3.97
N GLU B 389 35.51 6.69 -4.11
CA GLU B 389 34.55 6.53 -3.02
C GLU B 389 34.29 5.06 -2.67
N ILE B 390 33.99 4.84 -1.39
CA ILE B 390 33.74 3.50 -0.87
C ILE B 390 32.28 3.30 -0.49
N PHE B 391 31.61 2.37 -1.15
CA PHE B 391 30.19 2.14 -0.92
C PHE B 391 29.93 0.92 -0.03
N SER B 392 30.98 0.14 0.23
CA SER B 392 30.84 -1.08 1.01
C SER B 392 31.97 -1.25 2.03
N CYS B 393 31.62 -1.71 3.23
CA CYS B 393 32.60 -1.98 4.27
C CYS B 393 31.96 -2.83 5.36
N ALA B 394 32.56 -3.98 5.65
CA ALA B 394 31.96 -4.91 6.60
C ALA B 394 33.01 -5.76 7.32
N PHE B 395 32.75 -6.05 8.58
CA PHE B 395 33.58 -6.96 9.35
C PHE B 395 33.20 -8.39 9.00
N ASN B 396 34.04 -9.34 9.36
CA ASN B 396 33.56 -10.71 9.38
C ASN B 396 33.05 -10.97 10.80
N TYR B 397 32.37 -12.10 11.00
CA TYR B 397 31.56 -12.26 12.20
C TYR B 397 32.32 -12.39 13.53
N LYS B 398 33.65 -12.45 13.50
CA LYS B 398 34.41 -12.35 14.75
C LYS B 398 35.37 -11.14 14.75
N GLY B 399 35.23 -10.25 13.77
CA GLY B 399 35.99 -9.01 13.69
C GLY B 399 37.43 -9.20 13.26
N ASN B 400 37.71 -10.45 12.90
CA ASN B 400 38.95 -10.87 12.28
C ASN B 400 39.43 -10.00 11.16
N ILE B 401 38.58 -9.89 10.14
CA ILE B 401 38.94 -9.25 8.91
C ILE B 401 37.91 -8.19 8.48
N VAL B 402 38.33 -7.20 7.70
CA VAL B 402 37.42 -6.17 7.18
C VAL B 402 37.49 -6.18 5.66
N ILE B 403 36.34 -6.15 4.99
CA ILE B 403 36.31 -6.06 3.53
C ILE B 403 35.54 -4.85 2.98
N THR B 404 36.17 -4.12 2.05
CA THR B 404 35.60 -2.93 1.42
C THR B 404 35.46 -2.98 -0.11
N GLY B 405 34.27 -2.63 -0.59
CA GLY B 405 34.07 -2.46 -2.02
C GLY B 405 34.03 -0.97 -2.37
N SER B 406 34.78 -0.59 -3.39
CA SER B 406 34.91 0.81 -3.77
C SER B 406 34.43 1.07 -5.20
N LYS B 407 34.39 2.34 -5.58
CA LYS B 407 33.96 2.73 -6.91
C LYS B 407 35.04 2.52 -7.97
N ASP B 408 36.25 2.18 -7.54
CA ASP B 408 37.32 1.88 -8.47
C ASP B 408 37.32 0.39 -8.86
N ASN B 409 36.19 -0.27 -8.59
CA ASN B 409 35.97 -1.68 -8.91
C ASN B 409 36.99 -2.61 -8.29
N THR B 410 37.44 -2.28 -7.09
CA THR B 410 38.41 -3.08 -6.36
C THR B 410 37.98 -3.35 -4.91
N CYS B 411 38.07 -4.60 -4.49
CA CYS B 411 37.77 -4.96 -3.10
C CYS B 411 39.03 -5.23 -2.29
N ARG B 412 39.14 -4.59 -1.13
CA ARG B 412 40.31 -4.76 -0.28
C ARG B 412 39.99 -5.31 1.10
N ILE B 413 40.87 -6.19 1.56
CA ILE B 413 40.78 -6.92 2.81
C ILE B 413 41.73 -6.30 3.84
N TRP B 414 41.31 -6.19 5.10
CA TRP B 414 42.20 -5.58 6.08
C TRP B 414 42.36 -6.45 7.32
N ARG B 415 43.56 -6.97 7.56
CA ARG B 415 43.80 -7.84 8.70
C ARG B 415 44.41 -7.06 9.86
#